data_8PK6
#
_entry.id   8PK6
#
_cell.length_a   126.997
_cell.length_b   188.103
_cell.length_c   52.757
_cell.angle_alpha   90.000
_cell.angle_beta   90.000
_cell.angle_gamma   90.000
#
_symmetry.space_group_name_H-M   'P 21 21 2'
#
loop_
_entity.id
_entity.type
_entity.pdbx_description
1 polymer 'Integrator complex subunit 13'
2 polymer 'Zinc finger protein 655'
#
loop_
_entity_poly.entity_id
_entity_poly.type
_entity_poly.pdbx_seq_one_letter_code
_entity_poly.pdbx_strand_id
1 'polypeptide(L)'
;GPHMLEMKIFSESHKTVFVVDHCPYMAESCRQHSKSLWTCSVESSMEYCRIMYDIFPFKKLVNFIVSDSGAHVLNSWTQE
DQNLQELMAALAAVGPPNPRADPECCSILHGLVAAVETLCKITEYQHEARTLLMENAERVGNRGRIICITNAKSDSHVRM
LEDCVQETIHEHNKLAANSDHLMQIQKCELVLIHTYPVGEDSLVSDRSKKELSPVLTSEVHSVRAGRHLATKLNILVQQH
FD
;
A,C,E
2 'polypeptide(L)' GHMEDRLERLQEILRKFLYLEREFRQITIS B,D,F
#
# COMPACT_ATOMS: atom_id res chain seq x y z
N LEU A 5 -15.18 -21.21 7.05
CA LEU A 5 -14.99 -20.99 8.47
C LEU A 5 -13.53 -20.73 8.81
N GLU A 6 -12.69 -20.65 7.77
CA GLU A 6 -11.28 -20.33 7.92
C GLU A 6 -11.15 -18.83 8.19
N MET A 7 -11.35 -18.46 9.46
CA MET A 7 -11.32 -17.06 9.87
C MET A 7 -9.91 -16.46 9.84
N LYS A 8 -8.90 -17.23 9.44
CA LYS A 8 -7.53 -16.74 9.46
C LYS A 8 -7.29 -15.63 8.45
N ILE A 9 -7.13 -16.00 7.18
CA ILE A 9 -6.88 -15.02 6.13
C ILE A 9 -8.10 -14.14 5.88
N PHE A 10 -9.29 -14.61 6.25
CA PHE A 10 -10.53 -13.86 6.02
C PHE A 10 -10.90 -12.95 7.18
N SER A 11 -9.91 -12.42 7.90
CA SER A 11 -10.14 -11.46 8.96
C SER A 11 -10.43 -10.08 8.38
N GLU A 12 -10.95 -9.19 9.25
CA GLU A 12 -11.17 -7.81 8.86
C GLU A 12 -9.89 -7.13 8.38
N SER A 13 -8.72 -7.61 8.84
CA SER A 13 -7.46 -7.02 8.37
C SER A 13 -7.23 -7.28 6.90
N HIS A 14 -7.79 -8.37 6.37
CA HIS A 14 -7.65 -8.65 4.94
C HIS A 14 -8.28 -7.55 4.09
N LYS A 15 -9.30 -6.89 4.61
CA LYS A 15 -10.00 -5.83 3.90
C LYS A 15 -9.91 -4.57 4.75
N THR A 16 -9.14 -3.60 4.30
CA THR A 16 -9.05 -2.34 5.01
C THR A 16 -9.46 -1.20 4.09
N VAL A 17 -10.38 -0.37 4.56
CA VAL A 17 -10.86 0.79 3.83
C VAL A 17 -10.36 2.02 4.56
N PHE A 18 -9.86 2.99 3.81
CA PHE A 18 -9.54 4.29 4.37
C PHE A 18 -10.39 5.35 3.66
N VAL A 19 -11.13 6.11 4.45
CA VAL A 19 -11.97 7.18 3.95
C VAL A 19 -11.57 8.43 4.72
N VAL A 20 -11.13 9.45 4.01
CA VAL A 20 -10.71 10.70 4.59
C VAL A 20 -11.45 11.80 3.84
N ASP A 21 -11.98 12.77 4.57
CA ASP A 21 -12.70 13.86 3.95
C ASP A 21 -11.71 14.92 3.46
N HIS A 22 -11.70 15.14 2.14
CA HIS A 22 -11.01 16.27 1.53
C HIS A 22 -11.93 17.47 1.37
N CYS A 23 -13.02 17.50 2.14
CA CYS A 23 -13.90 18.66 2.18
C CYS A 23 -13.20 19.83 2.87
N PRO A 24 -13.50 21.07 2.45
CA PRO A 24 -12.62 22.20 2.79
C PRO A 24 -12.50 22.49 4.27
N TYR A 25 -13.37 21.91 5.12
CA TYR A 25 -13.21 22.15 6.55
C TYR A 25 -12.06 21.36 7.12
N MET A 26 -11.49 20.44 6.34
CA MET A 26 -10.25 19.77 6.66
C MET A 26 -9.03 20.54 6.17
N ALA A 27 -9.23 21.75 5.65
CA ALA A 27 -8.12 22.65 5.38
C ALA A 27 -8.28 23.92 6.21
N GLU A 28 -8.47 23.74 7.53
CA GLU A 28 -8.87 24.85 8.37
C GLU A 28 -7.75 25.85 8.57
N SER A 29 -6.64 25.44 9.17
CA SER A 29 -5.58 26.38 9.50
C SER A 29 -4.20 25.87 9.11
N SER A 36 -4.80 21.93 5.53
CA SER A 36 -3.81 20.87 5.61
C SER A 36 -4.04 19.91 6.78
N LEU A 37 -5.11 20.12 7.53
CA LEU A 37 -5.46 19.16 8.57
C LEU A 37 -5.66 17.78 7.96
N TRP A 38 -6.29 17.74 6.78
CA TRP A 38 -6.40 16.50 6.04
C TRP A 38 -5.02 15.93 5.74
N THR A 39 -4.03 16.81 5.47
CA THR A 39 -2.65 16.35 5.23
C THR A 39 -2.11 15.56 6.42
N CYS A 40 -2.34 16.06 7.62
CA CYS A 40 -1.95 15.36 8.84
C CYS A 40 -2.63 14.00 8.93
N SER A 41 -3.94 14.00 8.65
CA SER A 41 -4.69 12.74 8.65
C SER A 41 -4.10 11.77 7.63
N VAL A 42 -3.67 12.31 6.49
CA VAL A 42 -3.01 11.53 5.45
C VAL A 42 -1.74 10.93 5.98
N GLU A 43 -0.95 11.71 6.73
CA GLU A 43 0.29 11.19 7.28
C GLU A 43 0.01 9.99 8.19
N SER A 44 -0.97 10.13 9.09
CA SER A 44 -1.26 9.03 10.02
C SER A 44 -1.79 7.80 9.28
N SER A 45 -2.77 8.00 8.39
CA SER A 45 -3.33 6.87 7.66
C SER A 45 -2.29 6.19 6.79
N MET A 46 -1.40 6.97 6.19
CA MET A 46 -0.32 6.41 5.38
C MET A 46 0.59 5.55 6.25
N GLU A 47 0.84 5.97 7.49
CA GLU A 47 1.67 5.13 8.36
C GLU A 47 0.97 3.80 8.67
N TYR A 48 -0.33 3.85 8.95
CA TYR A 48 -1.07 2.60 9.13
C TYR A 48 -0.93 1.70 7.90
N CYS A 49 -1.08 2.29 6.71
CA CYS A 49 -1.00 1.53 5.47
C CYS A 49 0.40 0.97 5.24
N ARG A 50 1.43 1.72 5.64
CA ARG A 50 2.78 1.19 5.63
C ARG A 50 2.85 -0.10 6.43
N ILE A 51 2.42 -0.03 7.70
CA ILE A 51 2.50 -1.19 8.59
C ILE A 51 1.84 -2.40 7.97
N MET A 52 0.62 -2.22 7.46
CA MET A 52 -0.14 -3.38 6.98
C MET A 52 0.58 -4.12 5.87
N TYR A 53 1.09 -3.39 4.88
CA TYR A 53 1.78 -4.05 3.78
C TYR A 53 3.12 -4.62 4.23
N ASP A 54 3.79 -3.97 5.18
CA ASP A 54 5.11 -4.46 5.55
C ASP A 54 5.02 -5.78 6.31
N ILE A 55 4.09 -5.87 7.26
CA ILE A 55 3.94 -7.11 8.02
C ILE A 55 3.39 -8.23 7.14
N PHE A 56 2.35 -7.94 6.37
CA PHE A 56 1.59 -8.93 5.63
C PHE A 56 1.72 -8.54 4.16
N PRO A 57 2.79 -8.97 3.48
CA PRO A 57 3.04 -8.48 2.12
C PRO A 57 1.87 -8.67 1.17
N PHE A 58 1.10 -9.76 1.30
CA PHE A 58 -0.01 -9.99 0.38
C PHE A 58 -1.23 -10.60 1.09
N LYS A 59 -1.29 -10.51 2.43
CA LYS A 59 -2.37 -11.10 3.19
C LYS A 59 -3.26 -10.08 3.88
N LYS A 60 -2.75 -8.87 4.13
CA LYS A 60 -3.53 -7.77 4.68
C LYS A 60 -3.54 -6.67 3.62
N LEU A 61 -4.73 -6.25 3.21
CA LEU A 61 -4.87 -5.38 2.07
C LEU A 61 -5.59 -4.11 2.46
N VAL A 62 -5.29 -3.03 1.74
CA VAL A 62 -5.76 -1.69 2.06
C VAL A 62 -6.19 -0.98 0.78
N ASN A 63 -7.33 -0.28 0.84
CA ASN A 63 -7.77 0.62 -0.21
C ASN A 63 -8.19 1.96 0.39
N PHE A 64 -7.97 3.02 -0.39
CA PHE A 64 -8.13 4.40 0.06
C PHE A 64 -9.15 5.15 -0.78
N ILE A 65 -9.93 5.98 -0.12
CA ILE A 65 -11.01 6.75 -0.75
C ILE A 65 -10.95 8.16 -0.20
N VAL A 66 -11.18 9.14 -1.07
CA VAL A 66 -11.28 10.54 -0.70
C VAL A 66 -12.69 11.01 -1.05
N SER A 67 -13.22 11.97 -0.29
CA SER A 67 -14.60 12.39 -0.48
C SER A 67 -14.67 13.93 -0.48
N ASP A 68 -14.26 14.53 -1.59
CA ASP A 68 -14.53 15.93 -1.89
C ASP A 68 -15.78 16.03 -2.74
N SER A 69 -16.94 16.00 -2.06
CA SER A 69 -18.25 16.04 -2.70
C SER A 69 -18.52 14.80 -3.56
N GLY A 70 -17.53 13.93 -3.70
CA GLY A 70 -17.68 12.72 -4.47
C GLY A 70 -16.57 11.75 -4.13
N ALA A 71 -16.84 10.47 -4.33
CA ALA A 71 -15.84 9.46 -4.03
C ALA A 71 -14.75 9.48 -5.11
N HIS A 72 -13.51 9.59 -4.66
CA HIS A 72 -12.32 9.56 -5.51
C HIS A 72 -11.44 8.46 -4.94
N VAL A 73 -11.52 7.28 -5.53
CA VAL A 73 -10.76 6.12 -5.08
C VAL A 73 -9.40 6.14 -5.77
N LEU A 74 -8.33 5.96 -5.00
CA LEU A 74 -6.97 6.08 -5.50
C LEU A 74 -6.27 4.75 -5.71
N ASN A 75 -6.85 3.64 -5.23
CA ASN A 75 -6.20 2.34 -5.32
C ASN A 75 -7.26 1.25 -5.43
N SER A 76 -6.81 0.05 -5.80
CA SER A 76 -7.68 -1.10 -5.89
C SER A 76 -7.10 -2.25 -5.08
N TRP A 77 -7.92 -3.28 -4.86
CA TRP A 77 -7.48 -4.44 -4.10
C TRP A 77 -6.32 -5.16 -4.77
N THR A 78 -6.10 -4.92 -6.06
CA THR A 78 -5.07 -5.64 -6.80
C THR A 78 -3.68 -5.41 -6.22
N GLN A 79 -2.79 -6.37 -6.52
CA GLN A 79 -1.48 -6.40 -5.88
C GLN A 79 -0.61 -5.20 -6.28
N GLU A 80 -0.73 -4.75 -7.52
CA GLU A 80 0.12 -3.66 -8.00
C GLU A 80 -0.19 -2.37 -7.26
N ASP A 81 -1.48 -2.10 -7.00
CA ASP A 81 -1.87 -0.92 -6.24
C ASP A 81 -1.35 -0.95 -4.82
N GLN A 82 -1.07 -2.14 -4.28
CA GLN A 82 -0.64 -2.18 -2.89
C GLN A 82 0.86 -1.92 -2.83
N ASN A 83 1.27 -0.80 -3.42
CA ASN A 83 2.61 -0.26 -3.30
C ASN A 83 2.45 1.22 -2.99
N LEU A 84 3.14 1.68 -1.94
CA LEU A 84 2.91 3.03 -1.44
C LEU A 84 3.25 4.13 -2.45
N GLN A 85 4.26 3.93 -3.31
CA GLN A 85 4.61 4.98 -4.26
C GLN A 85 3.47 5.22 -5.25
N GLU A 86 2.88 4.14 -5.74
CA GLU A 86 1.71 4.26 -6.61
C GLU A 86 0.61 5.04 -5.90
N LEU A 87 0.48 4.83 -4.60
CA LEU A 87 -0.50 5.56 -3.80
C LEU A 87 -0.15 7.04 -3.71
N MET A 88 1.13 7.33 -3.45
CA MET A 88 1.59 8.71 -3.26
C MET A 88 1.39 9.54 -4.52
N ALA A 89 1.50 8.93 -5.69
CA ALA A 89 1.21 9.69 -6.91
C ALA A 89 -0.24 10.19 -6.89
N ALA A 90 -1.17 9.30 -6.57
CA ALA A 90 -2.58 9.68 -6.47
C ALA A 90 -2.81 10.67 -5.33
N LEU A 91 -2.07 10.53 -4.23
CA LEU A 91 -2.19 11.47 -3.13
C LEU A 91 -1.78 12.88 -3.55
N ALA A 92 -0.67 12.98 -4.29
CA ALA A 92 -0.23 14.28 -4.77
C ALA A 92 -1.20 14.84 -5.81
N ALA A 93 -1.90 13.96 -6.53
CA ALA A 93 -2.83 14.45 -7.55
C ALA A 93 -3.93 15.31 -6.94
N VAL A 94 -4.56 14.83 -5.87
CA VAL A 94 -5.55 15.63 -5.16
C VAL A 94 -4.82 16.73 -4.39
N GLY A 95 -5.11 17.98 -4.72
CA GLY A 95 -4.48 19.06 -4.01
C GLY A 95 -5.20 19.38 -2.70
N PRO A 96 -4.98 20.59 -2.18
CA PRO A 96 -5.72 21.00 -0.98
C PRO A 96 -7.16 21.35 -1.36
N PRO A 97 -8.10 21.11 -0.45
CA PRO A 97 -9.48 21.50 -0.75
C PRO A 97 -9.60 23.00 -0.88
N ASN A 98 -10.36 23.44 -1.86
CA ASN A 98 -10.53 24.86 -2.11
C ASN A 98 -11.21 25.46 -0.89
N PRO A 99 -10.59 26.41 -0.19
CA PRO A 99 -11.22 26.95 1.03
C PRO A 99 -12.44 27.80 0.74
N ARG A 100 -12.52 28.34 -0.47
CA ARG A 100 -13.62 29.21 -0.88
C ARG A 100 -14.70 28.44 -1.62
N ALA A 101 -14.51 27.14 -1.81
CA ALA A 101 -15.48 26.34 -2.54
C ALA A 101 -16.73 26.13 -1.70
N ASP A 102 -17.79 25.67 -2.36
CA ASP A 102 -19.07 25.44 -1.71
C ASP A 102 -18.93 24.44 -0.57
N PRO A 103 -19.21 24.84 0.69
CA PRO A 103 -19.32 23.84 1.75
C PRO A 103 -20.44 22.86 1.49
N GLU A 104 -21.51 23.29 0.82
CA GLU A 104 -22.55 22.39 0.40
C GLU A 104 -21.99 21.36 -0.59
N CYS A 105 -22.75 20.29 -0.79
CA CYS A 105 -22.43 19.24 -1.75
C CYS A 105 -21.22 18.41 -1.34
N CYS A 106 -20.31 18.99 -0.56
CA CYS A 106 -19.12 18.25 -0.11
C CYS A 106 -19.49 17.43 1.11
N SER A 107 -19.23 16.13 1.04
CA SER A 107 -19.66 15.20 2.07
C SER A 107 -18.85 13.91 1.96
N ILE A 108 -18.54 13.34 3.12
CA ILE A 108 -17.85 12.05 3.15
C ILE A 108 -18.75 10.87 2.74
N LEU A 109 -20.07 11.06 2.69
CA LEU A 109 -20.97 9.94 2.40
C LEU A 109 -20.63 9.23 1.10
N HIS A 110 -20.22 9.99 0.06
CA HIS A 110 -19.84 9.34 -1.19
C HIS A 110 -18.73 8.34 -0.95
N GLY A 111 -17.76 8.70 -0.11
CA GLY A 111 -16.68 7.79 0.21
C GLY A 111 -17.17 6.55 0.95
N LEU A 112 -18.11 6.73 1.88
CA LEU A 112 -18.63 5.58 2.63
C LEU A 112 -19.37 4.61 1.72
N VAL A 113 -20.25 5.13 0.86
CA VAL A 113 -20.98 4.24 -0.05
C VAL A 113 -20.01 3.53 -0.98
N ALA A 114 -19.02 4.27 -1.51
CA ALA A 114 -18.04 3.63 -2.37
C ALA A 114 -17.24 2.59 -1.58
N ALA A 115 -17.01 2.85 -0.29
CA ALA A 115 -16.31 1.90 0.56
C ALA A 115 -17.08 0.60 0.70
N VAL A 116 -18.40 0.68 0.87
CA VAL A 116 -19.21 -0.53 0.90
C VAL A 116 -19.07 -1.29 -0.42
N GLU A 117 -19.12 -0.56 -1.54
CA GLU A 117 -18.94 -1.22 -2.83
C GLU A 117 -17.58 -1.88 -2.92
N THR A 118 -16.52 -1.20 -2.46
CA THR A 118 -15.18 -1.77 -2.53
C THR A 118 -15.06 -3.03 -1.66
N LEU A 119 -15.66 -3.02 -0.47
CA LEU A 119 -15.63 -4.23 0.35
C LEU A 119 -16.39 -5.38 -0.29
N CYS A 120 -17.46 -5.10 -1.03
CA CYS A 120 -18.12 -6.19 -1.74
C CYS A 120 -17.21 -6.84 -2.78
N LYS A 121 -16.24 -6.08 -3.30
CA LYS A 121 -15.34 -6.59 -4.33
C LYS A 121 -14.40 -7.65 -3.77
N ILE A 122 -14.02 -8.59 -4.61
CA ILE A 122 -13.26 -9.77 -4.22
C ILE A 122 -11.77 -9.47 -4.25
N THR A 123 -11.05 -10.08 -3.32
CA THR A 123 -9.59 -10.10 -3.39
C THR A 123 -9.14 -11.28 -4.22
N GLU A 124 -7.91 -11.21 -4.73
CA GLU A 124 -7.37 -12.29 -5.54
C GLU A 124 -7.29 -13.59 -4.76
N TYR A 125 -6.88 -13.55 -3.49
CA TYR A 125 -6.88 -14.76 -2.67
C TYR A 125 -8.30 -15.31 -2.49
N GLN A 126 -9.28 -14.43 -2.27
CA GLN A 126 -10.65 -14.93 -2.19
C GLN A 126 -11.05 -15.61 -3.48
N HIS A 127 -10.59 -15.08 -4.62
CA HIS A 127 -10.88 -15.71 -5.90
C HIS A 127 -10.26 -17.10 -5.96
N GLU A 128 -9.03 -17.25 -5.44
CA GLU A 128 -8.42 -18.58 -5.42
C GLU A 128 -9.25 -19.53 -4.58
N ALA A 129 -9.74 -19.04 -3.44
CA ALA A 129 -10.59 -19.84 -2.56
C ALA A 129 -11.85 -20.29 -3.30
N ARG A 130 -12.47 -19.37 -4.05
CA ARG A 130 -13.62 -19.74 -4.86
C ARG A 130 -13.24 -20.79 -5.90
N THR A 131 -12.05 -20.65 -6.49
CA THR A 131 -11.60 -21.61 -7.49
C THR A 131 -11.51 -23.01 -6.92
N LEU A 132 -11.02 -23.14 -5.70
CA LEU A 132 -10.97 -24.48 -5.11
C LEU A 132 -12.31 -24.92 -4.51
N LEU A 133 -12.92 -24.08 -3.68
CA LEU A 133 -14.15 -24.47 -2.98
C LEU A 133 -15.33 -24.56 -3.95
N MET A 134 -16.36 -25.32 -3.52
CA MET A 134 -17.58 -25.45 -4.32
C MET A 134 -18.72 -25.89 -3.41
N GLU A 135 -19.60 -24.94 -3.08
CA GLU A 135 -20.89 -25.22 -2.42
C GLU A 135 -20.70 -25.90 -1.06
N ASN A 136 -19.88 -25.30 -0.21
CA ASN A 136 -19.61 -25.80 1.12
C ASN A 136 -20.30 -24.92 2.15
N ALA A 137 -20.85 -25.54 3.20
CA ALA A 137 -21.43 -24.78 4.29
C ALA A 137 -20.32 -24.01 5.03
N GLU A 138 -20.74 -23.01 5.80
CA GLU A 138 -19.86 -22.03 6.46
C GLU A 138 -18.70 -21.67 5.54
N ARG A 139 -19.03 -21.33 4.30
CA ARG A 139 -18.05 -21.12 3.23
C ARG A 139 -17.27 -19.85 3.51
N VAL A 140 -16.48 -19.42 2.53
CA VAL A 140 -15.65 -18.22 2.67
C VAL A 140 -16.50 -17.04 3.09
N GLY A 141 -16.09 -16.34 4.15
CA GLY A 141 -16.76 -15.14 4.58
C GLY A 141 -16.09 -13.89 4.04
N ASN A 142 -16.81 -12.76 4.13
CA ASN A 142 -16.34 -11.48 3.59
C ASN A 142 -16.46 -10.44 4.69
N ARG A 143 -15.57 -10.54 5.67
CA ARG A 143 -15.48 -9.56 6.74
C ARG A 143 -14.41 -8.53 6.42
N GLY A 144 -14.71 -7.28 6.76
CA GLY A 144 -13.85 -6.17 6.40
C GLY A 144 -13.90 -5.08 7.44
N ARG A 145 -13.00 -4.11 7.28
CA ARG A 145 -12.91 -3.01 8.22
C ARG A 145 -12.87 -1.69 7.46
N ILE A 146 -13.58 -0.70 7.97
CA ILE A 146 -13.64 0.62 7.39
C ILE A 146 -13.05 1.57 8.43
N ILE A 147 -12.22 2.51 7.98
CA ILE A 147 -11.64 3.52 8.83
C ILE A 147 -12.01 4.85 8.21
N CYS A 148 -12.77 5.66 8.95
CA CYS A 148 -13.17 6.98 8.51
C CYS A 148 -12.54 8.02 9.41
N ILE A 149 -11.94 9.04 8.80
CA ILE A 149 -11.36 10.17 9.51
C ILE A 149 -12.05 11.42 8.98
N THR A 150 -12.57 12.24 9.88
CA THR A 150 -13.31 13.40 9.41
C THR A 150 -13.48 14.41 10.53
N ASN A 151 -13.91 15.61 10.14
CA ASN A 151 -14.38 16.61 11.09
C ASN A 151 -15.90 16.48 11.21
N ALA A 152 -16.36 16.03 12.37
CA ALA A 152 -17.77 15.80 12.63
C ALA A 152 -18.39 17.05 13.25
N LYS A 153 -19.70 17.18 13.09
CA LYS A 153 -20.42 18.33 13.62
C LYS A 153 -21.11 17.99 14.94
N SER A 154 -21.94 16.95 14.93
CA SER A 154 -22.70 16.51 16.09
C SER A 154 -22.55 15.00 16.25
N ASP A 155 -22.81 14.51 17.46
CA ASP A 155 -22.90 13.07 17.65
C ASP A 155 -24.05 12.49 16.82
N SER A 156 -25.15 13.23 16.73
CA SER A 156 -26.26 12.82 15.87
C SER A 156 -25.82 12.69 14.42
N HIS A 157 -24.88 13.54 14.00
CA HIS A 157 -24.29 13.39 12.67
C HIS A 157 -23.66 12.01 12.51
N VAL A 158 -22.89 11.59 13.51
CA VAL A 158 -22.24 10.28 13.46
C VAL A 158 -23.26 9.16 13.47
N ARG A 159 -24.31 9.29 14.28
CA ARG A 159 -25.34 8.26 14.36
C ARG A 159 -26.06 8.12 13.03
N MET A 160 -26.36 9.23 12.38
CA MET A 160 -26.99 9.16 11.06
C MET A 160 -26.04 8.54 10.05
N LEU A 161 -24.74 8.80 10.16
CA LEU A 161 -23.79 8.11 9.29
C LEU A 161 -23.85 6.59 9.51
N GLU A 162 -23.97 6.17 10.78
CA GLU A 162 -24.09 4.74 11.05
C GLU A 162 -25.34 4.16 10.40
N ASP A 163 -26.45 4.89 10.49
CA ASP A 163 -27.69 4.44 9.85
C ASP A 163 -27.52 4.31 8.35
N CYS A 164 -26.86 5.30 7.73
CA CYS A 164 -26.62 5.27 6.30
C CYS A 164 -25.80 4.06 5.91
N VAL A 165 -24.73 3.78 6.66
CA VAL A 165 -23.88 2.64 6.34
C VAL A 165 -24.67 1.34 6.49
N GLN A 166 -25.51 1.25 7.51
CA GLN A 166 -26.24 0.00 7.75
C GLN A 166 -27.22 -0.28 6.61
N GLU A 167 -27.99 0.73 6.21
CA GLU A 167 -28.96 0.52 5.13
C GLU A 167 -28.23 0.27 3.81
N THR A 168 -27.10 0.95 3.59
CA THR A 168 -26.29 0.70 2.41
C THR A 168 -25.85 -0.75 2.35
N ILE A 169 -25.35 -1.29 3.47
CA ILE A 169 -24.90 -2.67 3.49
C ILE A 169 -26.07 -3.63 3.24
N HIS A 170 -27.22 -3.35 3.84
CA HIS A 170 -28.37 -4.23 3.67
C HIS A 170 -28.76 -4.33 2.19
N GLU A 171 -29.00 -3.18 1.56
CA GLU A 171 -29.40 -3.21 0.15
C GLU A 171 -28.27 -3.70 -0.75
N HIS A 172 -27.01 -3.40 -0.42
CA HIS A 172 -25.90 -3.82 -1.26
C HIS A 172 -25.70 -5.33 -1.19
N ASN A 173 -25.89 -5.93 -0.01
CA ASN A 173 -25.84 -7.38 0.09
C ASN A 173 -27.02 -8.01 -0.64
N LYS A 174 -28.19 -7.37 -0.56
CA LYS A 174 -29.33 -7.85 -1.36
C LYS A 174 -28.99 -7.90 -2.84
N LEU A 175 -28.30 -6.86 -3.34
CA LEU A 175 -27.92 -6.86 -4.75
C LEU A 175 -26.83 -7.88 -5.05
N ALA A 176 -25.83 -8.00 -4.17
CA ALA A 176 -24.66 -8.81 -4.44
C ALA A 176 -24.89 -10.30 -4.21
N ALA A 177 -25.95 -10.67 -3.49
CA ALA A 177 -26.20 -12.09 -3.25
C ALA A 177 -26.48 -12.84 -4.54
N ASN A 178 -27.27 -12.23 -5.43
CA ASN A 178 -27.54 -12.85 -6.72
C ASN A 178 -26.35 -12.74 -7.67
N SER A 179 -25.46 -11.78 -7.46
CA SER A 179 -24.28 -11.62 -8.28
C SER A 179 -23.22 -12.62 -7.84
N ASP A 180 -22.73 -13.43 -8.77
CA ASP A 180 -21.75 -14.47 -8.48
C ASP A 180 -20.35 -14.12 -8.99
N HIS A 181 -20.07 -12.82 -9.11
CA HIS A 181 -18.71 -12.34 -9.28
C HIS A 181 -18.33 -11.36 -8.17
N LEU A 182 -19.22 -11.16 -7.21
CA LEU A 182 -19.00 -10.32 -6.04
C LEU A 182 -19.66 -11.05 -4.88
N MET A 183 -19.40 -10.60 -3.66
CA MET A 183 -19.85 -11.35 -2.49
C MET A 183 -20.60 -10.47 -1.52
N GLN A 184 -21.34 -11.13 -0.64
CA GLN A 184 -22.00 -10.46 0.46
C GLN A 184 -20.99 -10.27 1.58
N ILE A 185 -21.30 -9.35 2.48
CA ILE A 185 -20.44 -9.08 3.63
C ILE A 185 -20.97 -9.82 4.83
N GLN A 186 -20.15 -10.73 5.37
CA GLN A 186 -20.52 -11.42 6.60
C GLN A 186 -20.49 -10.48 7.79
N LYS A 187 -19.36 -9.78 7.98
CA LYS A 187 -19.25 -8.82 9.08
C LYS A 187 -18.35 -7.68 8.65
N CYS A 188 -18.87 -6.47 8.73
CA CYS A 188 -18.05 -5.28 8.60
C CYS A 188 -17.71 -4.76 9.99
N GLU A 189 -16.66 -3.95 10.03
CA GLU A 189 -16.19 -3.30 11.24
C GLU A 189 -16.10 -1.83 10.88
N LEU A 190 -16.59 -0.95 11.76
CA LEU A 190 -16.62 0.47 11.46
C LEU A 190 -15.77 1.20 12.48
N VAL A 191 -14.80 1.96 12.00
CA VAL A 191 -13.93 2.79 12.83
C VAL A 191 -14.26 4.22 12.48
N LEU A 192 -14.80 4.96 13.44
CA LEU A 192 -15.18 6.35 13.23
C LEU A 192 -14.22 7.24 14.01
N ILE A 193 -13.59 8.19 13.31
CA ILE A 193 -12.57 9.04 13.90
C ILE A 193 -12.94 10.48 13.59
N HIS A 194 -13.03 11.29 14.64
CA HIS A 194 -13.38 12.69 14.54
C HIS A 194 -12.19 13.53 14.97
N THR A 195 -11.97 14.65 14.28
CA THR A 195 -10.86 15.55 14.57
C THR A 195 -11.38 16.95 14.87
N TYR A 196 -11.08 17.45 16.08
CA TYR A 196 -11.24 18.86 16.40
C TYR A 196 -9.88 19.51 16.54
N PRO A 197 -9.61 20.64 15.87
CA PRO A 197 -8.30 21.29 16.02
C PRO A 197 -8.12 22.12 17.29
N VAL A 198 -9.12 22.93 17.63
CA VAL A 198 -8.98 23.93 18.68
C VAL A 198 -9.34 23.34 20.04
N GLY A 199 -10.60 23.00 20.22
CA GLY A 199 -11.07 22.45 21.49
C GLY A 199 -12.36 23.08 21.98
N LEU A 203 -16.89 17.40 20.33
CA LEU A 203 -18.24 17.20 20.84
C LEU A 203 -18.63 15.73 20.70
N VAL A 204 -18.07 15.08 19.68
CA VAL A 204 -18.24 13.65 19.51
C VAL A 204 -17.75 12.93 20.76
N SER A 205 -18.42 11.86 21.13
CA SER A 205 -18.06 11.09 22.31
C SER A 205 -17.32 9.84 21.85
N ASP A 206 -16.26 9.49 22.58
CA ASP A 206 -15.52 8.26 22.28
C ASP A 206 -16.42 7.06 22.59
N ARG A 207 -17.53 6.96 21.88
CA ARG A 207 -18.55 5.98 22.17
C ARG A 207 -18.02 4.57 21.97
N SER A 208 -18.38 3.67 22.89
CA SER A 208 -17.92 2.30 22.83
C SER A 208 -18.39 1.62 21.55
N LYS A 209 -17.84 0.44 21.31
CA LYS A 209 -18.28 -0.37 20.18
C LYS A 209 -19.73 -0.79 20.37
N LYS A 210 -20.53 -0.64 19.31
CA LYS A 210 -21.94 -1.04 19.32
C LYS A 210 -22.23 -1.66 17.95
N GLU A 211 -22.00 -2.97 17.84
CA GLU A 211 -22.26 -3.65 16.57
C GLU A 211 -23.76 -3.64 16.30
N LEU A 212 -24.16 -2.89 15.26
CA LEU A 212 -25.56 -2.53 15.10
C LEU A 212 -26.38 -3.60 14.40
N SER A 213 -25.75 -4.48 13.62
CA SER A 213 -26.52 -5.49 12.90
C SER A 213 -25.78 -6.82 12.85
N PRO A 214 -26.44 -7.91 12.44
CA PRO A 214 -25.71 -9.17 12.23
C PRO A 214 -24.52 -9.04 11.31
N VAL A 215 -24.61 -8.18 10.30
CA VAL A 215 -23.46 -7.90 9.45
C VAL A 215 -22.63 -6.75 10.00
N LEU A 216 -23.26 -5.76 10.62
CA LEU A 216 -22.61 -4.50 10.97
C LEU A 216 -21.97 -4.56 12.35
N THR A 217 -20.80 -3.94 12.44
CA THR A 217 -20.12 -3.66 13.69
C THR A 217 -19.72 -2.21 13.63
N SER A 218 -19.78 -1.52 14.76
CA SER A 218 -19.58 -0.09 14.76
C SER A 218 -18.77 0.30 15.98
N GLU A 219 -17.96 1.33 15.79
CA GLU A 219 -17.08 1.86 16.81
C GLU A 219 -17.02 3.36 16.63
N VAL A 220 -16.75 4.07 17.70
CA VAL A 220 -16.71 5.53 17.67
C VAL A 220 -15.51 5.96 18.48
N HIS A 221 -14.87 7.04 18.04
CA HIS A 221 -13.78 7.63 18.80
C HIS A 221 -13.89 9.14 18.71
N SER A 222 -13.21 9.81 19.63
CA SER A 222 -13.21 11.27 19.65
C SER A 222 -11.85 11.69 20.21
N VAL A 223 -10.98 12.13 19.33
CA VAL A 223 -9.62 12.51 19.69
C VAL A 223 -9.21 13.70 18.82
N ARG A 224 -8.31 14.52 19.35
CA ARG A 224 -7.84 15.69 18.64
C ARG A 224 -6.74 15.33 17.65
N ALA A 225 -6.29 16.34 16.90
CA ALA A 225 -5.22 16.18 15.94
C ALA A 225 -3.89 15.90 16.63
N GLY A 226 -2.96 15.33 15.88
CA GLY A 226 -1.64 14.98 16.35
C GLY A 226 -1.47 13.49 16.56
N ARG A 227 -0.21 13.05 16.46
CA ARG A 227 0.11 11.64 16.27
C ARG A 227 -0.14 10.80 17.52
N HIS A 228 -0.67 11.39 18.59
CA HIS A 228 -1.39 10.58 19.56
C HIS A 228 -2.53 9.85 18.88
N LEU A 229 -3.10 10.46 17.84
CA LEU A 229 -3.98 9.73 16.94
C LEU A 229 -3.22 8.65 16.19
N ALA A 230 -1.98 8.93 15.78
CA ALA A 230 -1.18 7.89 15.14
C ALA A 230 -0.85 6.77 16.12
N THR A 231 -0.59 7.10 17.38
CA THR A 231 -0.41 6.07 18.40
C THR A 231 -1.70 5.27 18.62
N LYS A 232 -2.84 5.97 18.71
CA LYS A 232 -4.13 5.29 18.80
C LYS A 232 -4.36 4.38 17.61
N LEU A 233 -4.05 4.89 16.41
CA LEU A 233 -3.98 4.06 15.22
C LEU A 233 -3.11 2.85 15.46
N ASN A 234 -1.93 3.05 16.06
CA ASN A 234 -1.01 1.94 16.30
C ASN A 234 -1.65 0.90 17.21
N ILE A 235 -2.36 1.35 18.25
CA ILE A 235 -3.10 0.42 19.10
C ILE A 235 -4.11 -0.35 18.25
N LEU A 236 -4.76 0.35 17.33
CA LEU A 236 -5.69 -0.33 16.44
C LEU A 236 -4.96 -1.33 15.57
N VAL A 237 -3.82 -0.93 14.99
CA VAL A 237 -2.99 -1.82 14.18
C VAL A 237 -2.56 -3.02 14.99
N GLN A 238 -2.37 -2.83 16.29
CA GLN A 238 -1.99 -3.93 17.17
C GLN A 238 -3.13 -4.93 17.30
N GLN A 239 -4.35 -4.43 17.48
CA GLN A 239 -5.51 -5.31 17.37
C GLN A 239 -5.66 -5.87 15.97
N HIS A 240 -5.12 -5.16 14.97
CA HIS A 240 -5.36 -5.42 13.56
C HIS A 240 -4.28 -6.30 12.96
N PHE A 241 -3.25 -6.63 13.74
CA PHE A 241 -2.31 -7.67 13.37
C PHE A 241 -3.03 -9.01 13.31
N ASP A 242 -4.03 -9.18 14.17
CA ASP A 242 -5.00 -10.28 14.19
C ASP A 242 -4.73 -11.45 13.25
N GLU B 4 -28.04 -2.35 -10.94
CA GLU B 4 -29.14 -3.08 -11.57
C GLU B 4 -30.45 -2.34 -11.38
N ASP B 5 -31.53 -3.11 -11.21
CA ASP B 5 -32.83 -2.53 -10.92
C ASP B 5 -32.84 -1.82 -9.57
N ARG B 6 -31.95 -2.18 -8.66
CA ARG B 6 -31.97 -1.63 -7.31
C ARG B 6 -30.69 -0.92 -6.90
N LEU B 7 -29.70 -0.80 -7.80
CA LEU B 7 -28.57 0.08 -7.52
C LEU B 7 -29.02 1.52 -7.47
N GLU B 8 -30.08 1.86 -8.23
CA GLU B 8 -30.74 3.15 -8.06
C GLU B 8 -31.16 3.37 -6.62
N ARG B 9 -31.48 2.30 -5.87
CA ARG B 9 -31.73 2.45 -4.45
C ARG B 9 -30.44 2.80 -3.69
N LEU B 10 -29.29 2.30 -4.13
CA LEU B 10 -28.02 2.75 -3.57
C LEU B 10 -27.86 4.27 -3.76
N GLN B 11 -28.10 4.75 -4.98
CA GLN B 11 -28.00 6.20 -5.19
C GLN B 11 -29.06 6.95 -4.39
N GLU B 12 -30.26 6.38 -4.24
CA GLU B 12 -31.30 6.97 -3.42
C GLU B 12 -30.85 7.11 -1.97
N ILE B 13 -30.19 6.08 -1.44
CA ILE B 13 -29.70 6.11 -0.06
C ILE B 13 -28.64 7.18 0.10
N LEU B 14 -27.69 7.22 -0.83
CA LEU B 14 -26.65 8.23 -0.78
C LEU B 14 -27.26 9.63 -0.75
N ARG B 15 -28.20 9.89 -1.66
CA ARG B 15 -28.79 11.22 -1.73
C ARG B 15 -29.61 11.53 -0.49
N LYS B 16 -30.57 10.67 -0.15
CA LYS B 16 -31.30 10.68 1.10
C LYS B 16 -30.45 11.17 2.27
N PHE B 17 -29.39 10.43 2.60
CA PHE B 17 -28.59 10.83 3.74
C PHE B 17 -27.76 12.07 3.46
N LEU B 18 -27.49 12.39 2.20
CA LEU B 18 -26.83 13.65 1.87
C LEU B 18 -27.70 14.84 2.24
N TYR B 19 -28.99 14.77 1.93
CA TYR B 19 -29.90 15.83 2.36
C TYR B 19 -29.99 15.85 3.87
N LEU B 20 -30.13 14.67 4.50
CA LEU B 20 -30.24 14.65 5.95
C LEU B 20 -29.00 15.24 6.63
N GLU B 21 -27.86 15.18 5.95
CA GLU B 21 -26.62 15.71 6.52
C GLU B 21 -26.62 17.23 6.62
N ARG B 22 -27.47 17.91 5.84
CA ARG B 22 -27.43 19.37 5.78
C ARG B 22 -27.76 20.02 7.12
N GLU B 23 -28.66 19.42 7.89
CA GLU B 23 -29.05 19.98 9.18
C GLU B 23 -27.85 20.20 10.09
N PHE B 24 -26.93 19.23 10.10
CA PHE B 24 -25.67 19.42 10.83
C PHE B 24 -24.69 20.27 10.05
N ARG B 25 -24.73 20.19 8.72
CA ARG B 25 -23.83 21.01 7.90
C ARG B 25 -24.10 22.49 8.10
N GLN B 26 -25.36 22.89 8.15
CA GLN B 26 -25.72 24.29 8.34
C GLN B 26 -25.33 24.77 9.73
N MET C 7 1.10 28.46 -23.74
CA MET C 7 0.02 29.26 -24.26
C MET C 7 -1.32 28.61 -23.95
N LYS C 8 -2.36 29.42 -23.70
CA LYS C 8 -3.69 28.84 -23.48
C LYS C 8 -4.10 27.99 -24.67
N ILE C 9 -3.65 28.37 -25.88
CA ILE C 9 -3.95 27.58 -27.05
C ILE C 9 -3.20 26.26 -27.05
N PHE C 10 -2.08 26.17 -26.31
CA PHE C 10 -1.32 24.93 -26.22
C PHE C 10 -1.69 24.12 -24.98
N SER C 11 -2.92 24.25 -24.50
CA SER C 11 -3.38 23.45 -23.37
C SER C 11 -3.77 22.05 -23.81
N GLU C 12 -3.95 21.17 -22.82
CA GLU C 12 -4.44 19.82 -23.10
C GLU C 12 -5.77 19.85 -23.85
N SER C 13 -6.54 20.93 -23.68
CA SER C 13 -7.81 21.08 -24.39
C SER C 13 -7.61 21.23 -25.90
N HIS C 14 -6.44 21.70 -26.33
CA HIS C 14 -6.21 21.97 -27.75
C HIS C 14 -6.34 20.69 -28.58
N LYS C 15 -5.59 19.66 -28.20
CA LYS C 15 -5.53 18.41 -28.97
C LYS C 15 -6.07 17.27 -28.11
N THR C 16 -7.18 16.70 -28.55
CA THR C 16 -7.74 15.53 -27.88
C THR C 16 -7.77 14.37 -28.85
N VAL C 17 -7.27 13.22 -28.40
CA VAL C 17 -7.23 12.01 -29.20
C VAL C 17 -8.23 11.03 -28.62
N PHE C 18 -8.99 10.40 -29.50
CA PHE C 18 -9.93 9.34 -29.14
C PHE C 18 -9.46 8.04 -29.76
N VAL C 19 -9.34 6.99 -28.96
CA VAL C 19 -8.90 5.67 -29.41
C VAL C 19 -9.95 4.64 -29.01
N VAL C 20 -10.45 3.91 -29.99
CA VAL C 20 -11.49 2.90 -29.74
C VAL C 20 -11.07 1.57 -30.36
N ASP C 21 -11.35 0.48 -29.64
CA ASP C 21 -11.05 -0.87 -30.10
C ASP C 21 -12.14 -1.38 -31.03
N HIS C 22 -11.75 -1.77 -32.24
CA HIS C 22 -12.61 -2.47 -33.18
C HIS C 22 -12.52 -3.99 -32.99
N CYS C 23 -12.04 -4.45 -31.83
CA CYS C 23 -12.03 -5.85 -31.47
C CYS C 23 -13.44 -6.40 -31.25
N PRO C 24 -13.69 -7.66 -31.61
CA PRO C 24 -15.07 -8.14 -31.76
C PRO C 24 -15.90 -8.21 -30.48
N TYR C 25 -15.31 -8.08 -29.30
CA TYR C 25 -16.12 -8.18 -28.09
C TYR C 25 -16.96 -6.93 -27.85
N MET C 26 -16.84 -5.93 -28.71
CA MET C 26 -17.77 -4.80 -28.70
C MET C 26 -19.07 -5.14 -29.41
N ALA C 27 -19.13 -6.25 -30.14
CA ALA C 27 -20.35 -6.57 -30.88
C ALA C 27 -21.51 -6.96 -29.96
N GLU C 28 -21.22 -7.25 -28.69
CA GLU C 28 -22.25 -7.67 -27.77
C GLU C 28 -23.17 -6.49 -27.41
N SER C 29 -24.39 -6.82 -27.02
CA SER C 29 -25.37 -5.84 -26.60
C SER C 29 -26.09 -6.35 -25.36
N CYS C 30 -26.79 -5.43 -24.68
CA CYS C 30 -27.77 -5.86 -23.69
C CYS C 30 -28.88 -6.66 -24.33
N ARG C 31 -28.96 -6.65 -25.67
CA ARG C 31 -29.61 -7.71 -26.44
C ARG C 31 -31.10 -7.78 -26.19
N GLN C 32 -31.73 -6.60 -26.05
CA GLN C 32 -33.16 -6.40 -26.26
C GLN C 32 -33.38 -5.32 -27.30
N HIS C 33 -32.71 -4.18 -27.15
CA HIS C 33 -32.42 -3.24 -28.22
C HIS C 33 -30.93 -3.33 -28.53
N SER C 34 -30.52 -2.68 -29.62
CA SER C 34 -29.12 -2.76 -30.03
C SER C 34 -28.26 -1.94 -29.06
N LYS C 35 -27.70 -2.61 -28.07
CA LYS C 35 -26.68 -2.01 -27.21
C LYS C 35 -25.27 -2.37 -27.65
N SER C 36 -25.05 -2.49 -28.97
CA SER C 36 -23.72 -2.74 -29.50
C SER C 36 -22.73 -1.76 -28.90
N LEU C 37 -21.72 -2.31 -28.22
CA LEU C 37 -20.73 -1.46 -27.56
C LEU C 37 -20.06 -0.51 -28.53
N TRP C 38 -19.71 -0.99 -29.72
CA TRP C 38 -19.11 -0.11 -30.73
C TRP C 38 -20.08 1.00 -31.13
N THR C 39 -21.35 0.67 -31.31
CA THR C 39 -22.35 1.68 -31.67
C THR C 39 -22.50 2.74 -30.57
N CYS C 40 -22.72 2.29 -29.34
CA CYS C 40 -22.93 3.22 -28.23
C CYS C 40 -21.70 4.09 -28.00
N SER C 41 -20.53 3.48 -27.95
CA SER C 41 -19.30 4.24 -27.73
C SER C 41 -19.04 5.24 -28.85
N VAL C 42 -19.27 4.85 -30.11
CA VAL C 42 -19.05 5.77 -31.22
C VAL C 42 -20.00 6.97 -31.12
N GLU C 43 -21.28 6.71 -30.87
CA GLU C 43 -22.22 7.83 -30.76
C GLU C 43 -21.84 8.74 -29.59
N SER C 44 -21.45 8.15 -28.46
CA SER C 44 -21.12 8.96 -27.29
C SER C 44 -19.90 9.85 -27.55
N SER C 45 -18.84 9.26 -28.12
CA SER C 45 -17.64 10.04 -28.42
C SER C 45 -17.92 11.13 -29.43
N MET C 46 -18.73 10.82 -30.46
CA MET C 46 -19.07 11.84 -31.46
C MET C 46 -19.90 12.96 -30.85
N GLU C 47 -20.74 12.65 -29.86
CA GLU C 47 -21.48 13.71 -29.18
C GLU C 47 -20.54 14.60 -28.38
N TYR C 48 -19.56 13.99 -27.71
CA TYR C 48 -18.53 14.76 -27.02
C TYR C 48 -17.86 15.73 -27.99
N CYS C 49 -17.49 15.22 -29.17
CA CYS C 49 -16.80 16.05 -30.16
C CYS C 49 -17.71 17.16 -30.68
N ARG C 50 -18.98 16.85 -30.90
CA ARG C 50 -19.93 17.84 -31.41
C ARG C 50 -20.09 18.99 -30.42
N ILE C 51 -20.31 18.67 -29.14
CA ILE C 51 -20.52 19.74 -28.16
C ILE C 51 -19.25 20.56 -27.97
N MET C 52 -18.09 19.91 -27.87
CA MET C 52 -16.85 20.67 -27.73
C MET C 52 -16.61 21.55 -28.96
N TYR C 53 -16.93 21.05 -30.15
CA TYR C 53 -16.77 21.85 -31.36
C TYR C 53 -17.72 23.03 -31.36
N ASP C 54 -18.91 22.88 -30.78
CA ASP C 54 -19.81 24.04 -30.69
C ASP C 54 -19.26 25.07 -29.71
N ILE C 55 -18.69 24.62 -28.59
CA ILE C 55 -18.12 25.57 -27.63
C ILE C 55 -16.90 26.27 -28.25
N PHE C 56 -15.93 25.50 -28.74
CA PHE C 56 -14.67 26.04 -29.26
C PHE C 56 -14.45 25.52 -30.67
N PRO C 57 -15.19 26.04 -31.64
CA PRO C 57 -15.03 25.52 -33.02
C PRO C 57 -13.63 25.75 -33.54
N PHE C 58 -13.16 26.98 -33.38
CA PHE C 58 -11.79 27.39 -33.61
C PHE C 58 -10.83 26.69 -32.64
N LYS C 59 -9.60 26.44 -33.11
CA LYS C 59 -8.44 26.09 -32.29
C LYS C 59 -8.44 24.68 -31.69
N LYS C 60 -9.47 24.35 -30.91
CA LYS C 60 -9.52 23.03 -30.27
C LYS C 60 -9.80 21.95 -31.31
N LEU C 61 -8.88 20.98 -31.40
CA LEU C 61 -8.90 19.96 -32.44
C LEU C 61 -8.79 18.56 -31.85
N VAL C 62 -9.23 17.58 -32.65
CA VAL C 62 -9.36 16.19 -32.24
C VAL C 62 -8.78 15.29 -33.32
N ASN C 63 -8.10 14.22 -32.90
CA ASN C 63 -7.68 13.16 -33.80
C ASN C 63 -8.25 11.85 -33.28
N PHE C 64 -8.69 11.00 -34.21
CA PHE C 64 -9.46 9.82 -33.84
C PHE C 64 -8.80 8.60 -34.47
N ILE C 65 -8.65 7.53 -33.68
CA ILE C 65 -8.02 6.30 -34.13
C ILE C 65 -8.78 5.12 -33.54
N VAL C 66 -9.02 4.10 -34.37
CA VAL C 66 -9.58 2.84 -33.91
C VAL C 66 -8.62 1.71 -34.30
N SER C 67 -8.48 0.72 -33.42
CA SER C 67 -7.51 -0.34 -33.63
C SER C 67 -8.03 -1.69 -33.15
N ASP C 68 -8.37 -2.59 -34.08
CA ASP C 68 -8.54 -4.00 -33.77
C ASP C 68 -7.24 -4.79 -33.96
N SER C 69 -6.59 -4.63 -35.11
CA SER C 69 -5.38 -5.35 -35.50
C SER C 69 -4.36 -4.47 -36.19
N GLY C 70 -4.79 -3.52 -37.03
CA GLY C 70 -3.88 -2.59 -37.66
C GLY C 70 -4.21 -1.18 -37.22
N ALA C 71 -3.22 -0.29 -37.36
CA ALA C 71 -3.46 1.10 -37.02
C ALA C 71 -4.34 1.71 -38.10
N HIS C 72 -5.45 2.34 -37.70
CA HIS C 72 -6.36 2.97 -38.64
C HIS C 72 -6.54 4.42 -38.21
N VAL C 73 -5.77 5.32 -38.82
CA VAL C 73 -5.87 6.73 -38.50
C VAL C 73 -6.97 7.34 -39.36
N LEU C 74 -7.90 8.03 -38.71
CA LEU C 74 -9.12 8.50 -39.35
C LEU C 74 -9.13 10.01 -39.60
N ASN C 75 -8.16 10.74 -39.07
CA ASN C 75 -8.18 12.19 -39.18
C ASN C 75 -6.75 12.72 -39.22
N SER C 76 -6.61 13.98 -39.64
CA SER C 76 -5.34 14.68 -39.65
C SER C 76 -5.48 15.99 -38.88
N TRP C 77 -4.34 16.59 -38.52
CA TRP C 77 -4.36 17.82 -37.73
C TRP C 77 -5.01 18.99 -38.46
N THR C 78 -5.01 18.98 -39.79
CA THR C 78 -5.54 20.11 -40.54
C THR C 78 -7.04 20.28 -40.32
N GLN C 79 -7.48 21.54 -40.27
CA GLN C 79 -8.92 21.82 -40.24
C GLN C 79 -9.60 21.26 -41.47
N GLU C 80 -8.90 21.22 -42.60
CA GLU C 80 -9.49 20.67 -43.82
C GLU C 80 -9.82 19.19 -43.64
N ASP C 81 -8.95 18.45 -42.94
CA ASP C 81 -9.22 17.04 -42.69
C ASP C 81 -10.22 16.84 -41.56
N GLN C 82 -10.29 17.79 -40.62
CA GLN C 82 -11.20 17.70 -39.49
C GLN C 82 -12.56 18.27 -39.88
N ASN C 83 -13.54 17.39 -40.03
CA ASN C 83 -14.93 17.81 -40.20
C ASN C 83 -15.81 16.65 -39.76
N LEU C 84 -16.84 16.94 -38.96
CA LEU C 84 -17.59 15.90 -38.28
C LEU C 84 -18.25 14.91 -39.24
N GLN C 85 -18.76 15.39 -40.37
CA GLN C 85 -19.50 14.50 -41.27
C GLN C 85 -18.60 13.45 -41.94
N GLU C 86 -17.47 13.89 -42.48
CA GLU C 86 -16.53 12.94 -43.07
C GLU C 86 -16.06 11.93 -42.04
N LEU C 87 -15.86 12.39 -40.80
CA LEU C 87 -15.41 11.48 -39.75
C LEU C 87 -16.47 10.44 -39.44
N MET C 88 -17.73 10.85 -39.32
CA MET C 88 -18.76 9.86 -39.01
C MET C 88 -18.92 8.86 -40.15
N ALA C 89 -18.79 9.31 -41.39
CA ALA C 89 -18.85 8.39 -42.52
C ALA C 89 -17.69 7.39 -42.48
N ALA C 90 -16.48 7.90 -42.26
CA ALA C 90 -15.31 7.01 -42.20
C ALA C 90 -15.42 6.04 -41.03
N LEU C 91 -16.02 6.46 -39.92
CA LEU C 91 -16.26 5.54 -38.81
C LEU C 91 -17.25 4.45 -39.26
N ALA C 92 -18.27 4.84 -40.02
CA ALA C 92 -19.22 3.86 -40.54
C ALA C 92 -18.56 2.87 -41.50
N ALA C 93 -17.44 3.25 -42.12
CA ALA C 93 -16.80 2.36 -43.09
C ALA C 93 -16.46 0.99 -42.49
N VAL C 94 -15.87 0.97 -41.30
CA VAL C 94 -15.59 -0.31 -40.64
C VAL C 94 -16.86 -0.98 -40.16
N GLY C 95 -17.90 -0.19 -39.85
CA GLY C 95 -19.16 -0.72 -39.40
C GLY C 95 -19.01 -1.47 -38.09
N PRO C 96 -19.79 -2.52 -37.89
CA PRO C 96 -19.63 -3.35 -36.70
C PRO C 96 -18.37 -4.19 -36.80
N PRO C 97 -17.69 -4.44 -35.68
CA PRO C 97 -16.53 -5.33 -35.72
C PRO C 97 -16.94 -6.75 -36.08
N ASN C 98 -16.07 -7.45 -36.79
CA ASN C 98 -16.36 -8.78 -37.27
C ASN C 98 -16.73 -9.65 -36.07
N PRO C 99 -17.93 -10.23 -36.04
CA PRO C 99 -18.35 -10.99 -34.85
C PRO C 99 -17.60 -12.28 -34.64
N ARG C 100 -16.97 -12.84 -35.67
CA ARG C 100 -16.32 -14.14 -35.54
C ARG C 100 -14.98 -14.17 -36.27
N ALA C 101 -14.24 -13.05 -36.22
CA ALA C 101 -12.92 -13.02 -36.83
C ALA C 101 -11.92 -13.73 -35.92
N ASP C 102 -10.64 -13.43 -36.07
CA ASP C 102 -9.66 -13.98 -35.17
C ASP C 102 -10.00 -13.52 -33.75
N PRO C 103 -10.33 -14.44 -32.83
CA PRO C 103 -10.83 -14.00 -31.51
C PRO C 103 -9.90 -13.07 -30.77
N GLU C 104 -8.64 -12.99 -31.17
CA GLU C 104 -7.67 -12.07 -30.57
C GLU C 104 -6.66 -11.71 -31.64
N CYS C 105 -5.66 -10.91 -31.24
CA CYS C 105 -4.56 -10.53 -32.11
C CYS C 105 -5.07 -9.86 -33.38
N SER C 107 -6.13 -6.08 -31.16
CA SER C 107 -5.57 -5.47 -29.97
C SER C 107 -5.70 -3.95 -30.06
N ILE C 108 -6.03 -3.30 -28.93
CA ILE C 108 -6.03 -1.84 -28.85
C ILE C 108 -4.64 -1.27 -28.76
N LEU C 109 -3.65 -2.11 -28.48
CA LEU C 109 -2.28 -1.67 -28.25
C LEU C 109 -1.75 -0.84 -29.42
N HIS C 110 -2.07 -1.24 -30.66
CA HIS C 110 -1.61 -0.50 -31.82
C HIS C 110 -2.11 0.93 -31.78
N GLY C 111 -3.40 1.10 -31.47
CA GLY C 111 -3.96 2.44 -31.41
C GLY C 111 -3.39 3.25 -30.28
N LEU C 112 -3.18 2.62 -29.11
CA LEU C 112 -2.65 3.36 -27.98
C LEU C 112 -1.23 3.85 -28.28
N VAL C 113 -0.39 2.98 -28.83
CA VAL C 113 0.97 3.38 -29.17
C VAL C 113 0.96 4.45 -30.26
N ALA C 114 0.10 4.28 -31.28
CA ALA C 114 0.02 5.27 -32.35
C ALA C 114 -0.45 6.62 -31.84
N ALA C 115 -1.26 6.64 -30.79
CA ALA C 115 -1.72 7.90 -30.21
C ALA C 115 -0.53 8.73 -29.76
N VAL C 116 0.48 8.08 -29.16
CA VAL C 116 1.69 8.79 -28.78
C VAL C 116 2.34 9.42 -30.00
N GLU C 117 2.42 8.67 -31.11
CA GLU C 117 2.99 9.23 -32.32
C GLU C 117 2.22 10.46 -32.78
N THR C 118 0.89 10.37 -32.77
CA THR C 118 0.06 11.49 -33.21
C THR C 118 0.25 12.70 -32.31
N LEU C 119 0.35 12.48 -31.00
CA LEU C 119 0.62 13.60 -30.09
C LEU C 119 1.98 14.20 -30.40
N CYS C 120 2.94 13.36 -30.80
CA CYS C 120 4.24 13.86 -31.22
C CYS C 120 4.16 14.68 -32.51
N LYS C 121 3.19 14.40 -33.37
CA LYS C 121 3.08 15.13 -34.63
C LYS C 121 2.64 16.58 -34.38
N ILE C 122 3.10 17.47 -35.25
CA ILE C 122 2.92 18.90 -35.08
C ILE C 122 1.56 19.32 -35.64
N THR C 123 0.88 20.22 -34.92
CA THR C 123 -0.32 20.86 -35.45
C THR C 123 0.04 22.16 -36.17
N GLU C 124 -0.88 22.60 -37.04
CA GLU C 124 -0.66 23.80 -37.84
C GLU C 124 -0.55 25.08 -37.00
N TYR C 125 -1.38 25.23 -35.96
CA TYR C 125 -1.27 26.42 -35.11
C TYR C 125 0.11 26.49 -34.47
N GLN C 126 0.54 25.39 -33.86
CA GLN C 126 1.87 25.33 -33.26
C GLN C 126 2.95 25.46 -34.32
N HIS C 127 2.70 24.91 -35.51
CA HIS C 127 3.68 25.02 -36.58
C HIS C 127 3.93 26.46 -36.99
N GLU C 128 2.87 27.25 -37.19
CA GLU C 128 3.09 28.64 -37.53
C GLU C 128 3.74 29.40 -36.38
N ALA C 129 3.30 29.14 -35.14
CA ALA C 129 3.92 29.80 -34.00
C ALA C 129 5.40 29.48 -33.93
N ARG C 130 5.79 28.24 -34.25
CA ARG C 130 7.18 27.82 -34.16
C ARG C 130 8.01 28.38 -35.30
N THR C 131 7.49 28.32 -36.53
CA THR C 131 8.16 28.93 -37.67
C THR C 131 8.44 30.41 -37.41
N LEU C 132 7.53 31.09 -36.71
CA LEU C 132 7.83 32.48 -36.36
C LEU C 132 8.86 32.55 -35.24
N LEU C 133 8.73 31.67 -34.22
CA LEU C 133 9.68 31.69 -33.12
C LEU C 133 11.07 31.28 -33.60
N MET C 134 11.14 30.48 -34.67
CA MET C 134 12.40 30.02 -35.24
C MET C 134 13.25 29.29 -34.20
N GLU C 135 14.14 30.02 -33.56
CA GLU C 135 15.02 29.46 -32.56
C GLU C 135 14.44 29.51 -31.15
N ASN C 136 13.17 29.91 -31.02
CA ASN C 136 12.50 30.03 -29.72
C ASN C 136 11.48 28.91 -29.53
N ALA C 137 11.36 28.45 -28.29
CA ALA C 137 10.33 27.48 -27.92
C ALA C 137 9.95 27.76 -26.47
N GLU C 138 8.89 28.53 -26.28
CA GLU C 138 8.56 29.08 -24.97
C GLU C 138 7.18 28.61 -24.51
N ARG C 139 6.88 28.92 -23.25
CA ARG C 139 5.57 28.76 -22.62
C ARG C 139 5.23 27.29 -22.39
N VAL C 140 3.97 26.93 -22.66
CA VAL C 140 3.47 25.61 -22.26
C VAL C 140 4.08 24.53 -23.14
N GLY C 141 4.04 24.73 -24.46
CA GLY C 141 4.53 23.72 -25.37
C GLY C 141 3.47 22.67 -25.65
N ASN C 142 3.92 21.52 -26.14
CA ASN C 142 3.01 20.46 -26.55
C ASN C 142 2.32 19.87 -25.34
N ARG C 143 1.00 19.97 -25.30
CA ARG C 143 0.18 19.33 -24.27
C ARG C 143 -1.09 18.82 -24.93
N GLY C 144 -1.49 17.60 -24.55
CA GLY C 144 -2.64 16.96 -25.17
C GLY C 144 -3.35 16.05 -24.19
N ARG C 145 -4.53 15.57 -24.61
CA ARG C 145 -5.32 14.68 -23.78
C ARG C 145 -5.79 13.48 -24.59
N ILE C 146 -5.72 12.30 -23.97
CA ILE C 146 -6.04 11.03 -24.63
C ILE C 146 -7.23 10.39 -23.92
N ILE C 147 -8.16 9.84 -24.71
CA ILE C 147 -9.30 9.08 -24.23
C ILE C 147 -9.32 7.75 -24.96
N CYS C 148 -9.21 6.65 -24.21
CA CYS C 148 -9.29 5.30 -24.75
C CYS C 148 -10.54 4.62 -24.20
N ILE C 149 -11.28 3.95 -25.09
CA ILE C 149 -12.53 3.29 -24.71
C ILE C 149 -12.42 1.80 -25.02
N THR C 150 -12.79 0.97 -24.04
CA THR C 150 -12.72 -0.47 -24.18
C THR C 150 -13.54 -1.13 -23.08
N ASN C 151 -13.77 -2.43 -23.24
CA ASN C 151 -14.27 -3.31 -22.19
C ASN C 151 -13.04 -3.92 -21.53
N ALA C 152 -12.91 -3.73 -20.22
CA ALA C 152 -11.65 -4.10 -19.58
C ALA C 152 -11.58 -5.60 -19.27
N LYS C 153 -10.35 -6.09 -19.28
CA LYS C 153 -10.02 -7.48 -19.00
C LYS C 153 -9.50 -7.68 -17.57
N SER C 154 -8.40 -7.01 -17.23
CA SER C 154 -7.82 -7.11 -15.90
C SER C 154 -7.49 -5.71 -15.41
N ASP C 155 -7.52 -5.54 -14.09
CA ASP C 155 -6.99 -4.31 -13.52
C ASP C 155 -5.49 -4.23 -13.78
N SER C 156 -4.78 -5.35 -13.62
CA SER C 156 -3.36 -5.40 -13.96
C SER C 156 -3.13 -5.11 -15.44
N HIS C 157 -4.05 -5.57 -16.30
CA HIS C 157 -3.96 -5.21 -17.71
C HIS C 157 -4.07 -3.70 -17.90
N VAL C 158 -4.98 -3.05 -17.16
CA VAL C 158 -5.12 -1.60 -17.28
C VAL C 158 -3.85 -0.90 -16.83
N ARG C 159 -3.29 -1.34 -15.70
CA ARG C 159 -2.03 -0.76 -15.24
C ARG C 159 -0.93 -1.02 -16.26
N MET C 160 -0.96 -2.16 -16.94
CA MET C 160 0.02 -2.42 -17.99
C MET C 160 -0.16 -1.48 -19.16
N LEU C 161 -1.40 -1.17 -19.52
CA LEU C 161 -1.62 -0.21 -20.59
C LEU C 161 -1.06 1.16 -20.21
N GLU C 162 -1.29 1.58 -18.97
CA GLU C 162 -0.74 2.84 -18.51
C GLU C 162 0.79 2.82 -18.53
N ASP C 163 1.38 1.69 -18.10
CA ASP C 163 2.84 1.56 -18.15
C ASP C 163 3.36 1.63 -19.57
N CYS C 164 2.68 0.98 -20.51
CA CYS C 164 3.09 1.04 -21.90
C CYS C 164 3.05 2.46 -22.43
N VAL C 165 1.96 3.18 -22.12
CA VAL C 165 1.86 4.56 -22.59
C VAL C 165 2.99 5.39 -21.97
N GLN C 166 3.29 5.14 -20.70
CA GLN C 166 4.30 5.93 -20.01
C GLN C 166 5.68 5.66 -20.60
N GLU C 167 6.02 4.40 -20.82
CA GLU C 167 7.34 4.08 -21.35
C GLU C 167 7.50 4.58 -22.78
N THR C 168 6.44 4.47 -23.60
CA THR C 168 6.52 5.02 -24.95
C THR C 168 6.72 6.53 -24.93
N ILE C 169 5.94 7.25 -24.12
CA ILE C 169 6.05 8.71 -24.07
C ILE C 169 7.42 9.11 -23.53
N HIS C 170 7.89 8.43 -22.48
CA HIS C 170 9.19 8.72 -21.90
C HIS C 170 10.30 8.52 -22.91
N GLU C 171 10.30 7.39 -23.61
CA GLU C 171 11.32 7.14 -24.62
C GLU C 171 11.21 8.13 -25.79
N HIS C 172 10.00 8.62 -26.08
CA HIS C 172 9.80 9.45 -27.25
C HIS C 172 10.00 10.94 -26.99
N ASN C 173 10.04 11.36 -25.73
CA ASN C 173 10.54 12.71 -25.47
C ASN C 173 11.98 12.87 -25.92
N LYS C 174 12.71 11.77 -26.07
CA LYS C 174 14.05 11.83 -26.65
C LYS C 174 13.99 12.15 -28.14
N LEU C 175 12.90 11.74 -28.81
CA LEU C 175 12.70 12.07 -30.22
C LEU C 175 12.61 13.56 -30.47
N ALA C 176 12.43 14.37 -29.41
CA ALA C 176 12.28 15.81 -29.56
C ALA C 176 13.51 16.48 -30.14
N ALA C 177 14.70 15.92 -29.90
CA ALA C 177 15.92 16.59 -30.36
C ALA C 177 15.87 16.82 -31.87
N ASN C 178 15.45 15.81 -32.62
CA ASN C 178 15.20 15.94 -34.05
C ASN C 178 13.82 16.58 -34.28
N SER C 179 13.66 17.79 -33.75
CA SER C 179 12.37 18.47 -33.81
C SER C 179 12.01 18.98 -35.21
N ASP C 180 12.86 18.72 -36.21
CA ASP C 180 12.59 19.24 -37.54
C ASP C 180 11.38 18.57 -38.17
N HIS C 181 11.20 17.26 -37.93
CA HIS C 181 10.06 16.54 -38.48
C HIS C 181 9.16 15.93 -37.42
N LEU C 182 9.47 16.09 -36.13
CA LEU C 182 8.63 15.56 -35.07
C LEU C 182 8.72 16.46 -33.84
N MET C 183 7.81 16.25 -32.89
CA MET C 183 7.78 17.02 -31.66
C MET C 183 7.58 16.04 -30.50
N GLN C 184 7.97 16.46 -29.30
CA GLN C 184 7.71 15.70 -28.09
C GLN C 184 6.40 16.13 -27.44
N ILE C 185 5.90 15.28 -26.54
CA ILE C 185 4.72 15.57 -25.74
C ILE C 185 5.17 16.01 -24.35
N GLN C 186 4.38 16.89 -23.73
CA GLN C 186 4.62 17.31 -22.36
C GLN C 186 3.28 17.53 -21.67
N LYS C 187 3.25 17.33 -20.36
CA LYS C 187 2.04 17.48 -19.55
C LYS C 187 0.86 16.77 -20.22
N CYS C 188 1.03 15.47 -20.47
CA CYS C 188 -0.02 14.70 -21.09
C CYS C 188 -0.99 14.17 -20.04
N GLU C 189 -2.20 13.84 -20.50
CA GLU C 189 -3.22 13.24 -19.67
C GLU C 189 -3.81 12.03 -20.38
N LEU C 190 -3.99 10.95 -19.63
CA LEU C 190 -4.56 9.73 -20.17
C LEU C 190 -5.83 9.43 -19.37
N VAL C 191 -6.95 9.32 -20.08
CA VAL C 191 -8.23 8.94 -19.49
C VAL C 191 -8.61 7.60 -20.08
N LEU C 192 -8.66 6.57 -19.24
CA LEU C 192 -9.02 5.23 -19.67
C LEU C 192 -10.41 4.91 -19.13
N ILE C 193 -11.29 4.48 -20.02
CA ILE C 193 -12.70 4.33 -19.72
C ILE C 193 -13.12 2.90 -20.04
N HIS C 194 -13.81 2.27 -19.09
CA HIS C 194 -14.34 0.93 -19.25
C HIS C 194 -15.85 1.02 -19.29
N THR C 195 -16.46 0.28 -20.21
CA THR C 195 -17.92 0.23 -20.31
C THR C 195 -18.37 -1.22 -20.19
N TYR C 196 -19.19 -1.48 -19.22
CA TYR C 196 -19.78 -2.80 -19.18
C TYR C 196 -21.20 -2.78 -19.72
N PRO C 197 -21.72 -3.92 -20.15
CA PRO C 197 -23.11 -3.98 -20.60
C PRO C 197 -24.07 -3.94 -19.43
N VAL C 198 -25.24 -3.34 -19.67
CA VAL C 198 -26.22 -3.12 -18.62
C VAL C 198 -26.61 -4.44 -17.97
N GLY C 199 -26.43 -4.52 -16.65
CA GLY C 199 -26.69 -5.72 -15.89
C GLY C 199 -25.43 -6.43 -15.44
N GLU C 200 -24.32 -6.31 -16.17
CA GLU C 200 -23.07 -6.92 -15.78
C GLU C 200 -22.44 -6.16 -14.63
N ASP C 201 -21.43 -6.76 -14.03
CA ASP C 201 -20.68 -6.17 -12.93
C ASP C 201 -19.33 -5.70 -13.41
N SER C 202 -18.81 -4.65 -12.79
CA SER C 202 -17.56 -4.02 -13.21
C SER C 202 -16.37 -4.79 -12.66
N LEU C 203 -15.43 -5.12 -13.54
CA LEU C 203 -14.17 -5.74 -13.11
C LEU C 203 -13.22 -4.72 -12.50
N VAL C 204 -13.29 -3.46 -12.95
CA VAL C 204 -12.31 -2.45 -12.60
C VAL C 204 -13.00 -1.29 -11.89
N SER C 205 -12.32 -0.75 -10.87
CA SER C 205 -12.81 0.39 -10.10
C SER C 205 -12.07 1.64 -10.52
N ASP C 206 -12.59 2.80 -10.08
CA ASP C 206 -11.92 4.07 -10.37
C ASP C 206 -10.63 4.20 -9.58
N ARG C 207 -9.54 4.43 -10.30
CA ARG C 207 -8.32 5.01 -9.74
C ARG C 207 -8.34 6.49 -10.13
N SER C 208 -8.41 7.36 -9.12
CA SER C 208 -8.81 8.75 -9.37
C SER C 208 -7.81 9.48 -10.25
N LYS C 209 -6.53 9.40 -9.93
CA LYS C 209 -5.48 10.08 -10.69
C LYS C 209 -4.16 9.44 -10.33
N LYS C 210 -3.20 9.50 -11.25
CA LYS C 210 -1.89 8.90 -11.01
C LYS C 210 -0.82 9.62 -11.82
N GLU C 211 0.13 10.21 -11.12
CA GLU C 211 1.32 10.82 -11.74
C GLU C 211 2.27 9.68 -12.14
N LEU C 212 1.99 9.09 -13.30
CA LEU C 212 2.86 8.04 -13.83
C LEU C 212 4.22 8.61 -14.21
N SER C 213 4.25 9.87 -14.60
CA SER C 213 5.49 10.58 -14.91
C SER C 213 5.29 12.03 -14.56
N PRO C 214 6.35 12.82 -14.47
CA PRO C 214 6.18 14.27 -14.39
C PRO C 214 5.36 14.83 -15.54
N VAL C 215 5.42 14.19 -16.71
CA VAL C 215 4.61 14.60 -17.85
C VAL C 215 3.22 13.97 -17.81
N LEU C 216 3.12 12.70 -17.43
CA LEU C 216 1.88 11.97 -17.57
C LEU C 216 1.04 12.03 -16.31
N THR C 217 -0.27 12.18 -16.50
CA THR C 217 -1.28 12.04 -15.46
C THR C 217 -2.35 11.15 -16.03
N SER C 218 -2.93 10.29 -15.19
CA SER C 218 -3.83 9.26 -15.72
C SER C 218 -4.97 9.01 -14.75
N GLU C 219 -6.11 8.65 -15.33
CA GLU C 219 -7.34 8.39 -14.61
C GLU C 219 -8.09 7.27 -15.33
N VAL C 220 -8.94 6.57 -14.59
CA VAL C 220 -9.69 5.45 -15.11
C VAL C 220 -11.11 5.57 -14.58
N HIS C 221 -12.07 5.13 -15.39
CA HIS C 221 -13.47 5.08 -14.99
C HIS C 221 -14.09 3.79 -15.46
N SER C 222 -15.24 3.47 -14.90
CA SER C 222 -15.96 2.23 -15.19
C SER C 222 -17.44 2.58 -15.12
N VAL C 223 -18.11 2.49 -16.26
CA VAL C 223 -19.49 2.92 -16.38
C VAL C 223 -20.24 1.93 -17.26
N ARG C 224 -21.55 1.88 -17.09
CA ARG C 224 -22.35 1.01 -17.94
C ARG C 224 -22.62 1.71 -19.26
N ALA C 225 -22.97 0.93 -20.29
CA ALA C 225 -23.29 1.50 -21.58
C ALA C 225 -24.66 2.18 -21.55
N GLY C 226 -24.83 3.16 -22.43
CA GLY C 226 -26.09 3.88 -22.50
C GLY C 226 -26.06 5.23 -21.81
N ARG C 227 -27.13 5.53 -21.07
CA ARG C 227 -27.30 6.86 -20.48
C ARG C 227 -26.13 7.24 -19.60
N HIS C 228 -25.65 6.30 -18.77
CA HIS C 228 -24.60 6.63 -17.82
C HIS C 228 -23.32 7.05 -18.54
N LEU C 229 -23.01 6.41 -19.67
CA LEU C 229 -21.80 6.77 -20.40
C LEU C 229 -21.88 8.20 -20.97
N ALA C 230 -23.03 8.55 -21.55
CA ALA C 230 -23.19 9.89 -22.11
C ALA C 230 -23.20 10.97 -21.03
N THR C 231 -23.84 10.69 -19.89
CA THR C 231 -23.81 11.64 -18.79
C THR C 231 -22.40 11.83 -18.26
N LYS C 232 -21.69 10.72 -18.06
CA LYS C 232 -20.32 10.82 -17.57
C LYS C 232 -19.45 11.59 -18.54
N LEU C 233 -19.58 11.33 -19.84
CA LEU C 233 -18.73 12.02 -20.81
C LEU C 233 -19.08 13.49 -20.91
N ASN C 234 -20.35 13.86 -20.70
CA ASN C 234 -20.67 15.28 -20.69
C ASN C 234 -20.02 15.97 -19.49
N ILE C 235 -20.08 15.34 -18.32
CA ILE C 235 -19.36 15.88 -17.16
C ILE C 235 -17.86 15.95 -17.44
N LEU C 236 -17.32 14.93 -18.11
CA LEU C 236 -15.90 14.90 -18.41
C LEU C 236 -15.51 16.02 -19.34
N VAL C 237 -16.27 16.25 -20.42
CA VAL C 237 -15.97 17.36 -21.31
C VAL C 237 -16.07 18.68 -20.58
N GLN C 238 -17.04 18.81 -19.64
CA GLN C 238 -17.10 20.08 -18.93
C GLN C 238 -15.90 20.27 -18.00
N GLN C 239 -15.28 19.18 -17.56
CA GLN C 239 -13.98 19.30 -16.91
C GLN C 239 -12.85 19.55 -17.92
N HIS C 240 -13.00 19.04 -19.14
CA HIS C 240 -11.89 18.97 -20.08
C HIS C 240 -11.66 20.28 -20.82
N PHE C 241 -12.73 20.96 -21.27
CA PHE C 241 -12.50 22.19 -22.02
C PHE C 241 -11.91 23.30 -21.15
N ASP C 242 -12.00 23.16 -19.83
CA ASP C 242 -11.53 24.12 -18.81
C ASP C 242 -11.10 25.50 -19.33
N ARG D 6 15.12 6.56 -38.07
CA ARG D 6 14.17 5.48 -38.30
C ARG D 6 13.17 5.39 -37.16
N LEU D 7 13.68 5.15 -35.95
CA LEU D 7 12.88 5.06 -34.74
C LEU D 7 11.77 4.02 -34.88
N GLU D 8 12.20 2.76 -35.02
CA GLU D 8 11.28 1.63 -34.99
C GLU D 8 11.54 0.71 -33.79
N ARG D 9 12.48 1.06 -32.92
CA ARG D 9 12.61 0.38 -31.64
C ARG D 9 11.38 0.60 -30.78
N LEU D 10 10.64 1.69 -31.04
CA LEU D 10 9.34 1.84 -30.40
C LEU D 10 8.40 0.71 -30.79
N GLN D 11 8.53 0.21 -32.03
CA GLN D 11 7.76 -0.96 -32.41
C GLN D 11 8.20 -2.17 -31.59
N GLU D 12 9.46 -2.25 -31.20
CA GLU D 12 9.90 -3.34 -30.32
C GLU D 12 9.35 -3.16 -28.91
N ILE D 13 9.22 -1.91 -28.45
CA ILE D 13 8.51 -1.66 -27.19
C ILE D 13 7.07 -2.13 -27.31
N LEU D 14 6.46 -1.87 -28.46
CA LEU D 14 5.10 -2.34 -28.70
C LEU D 14 5.04 -3.86 -28.73
N ARG D 15 6.06 -4.52 -29.28
CA ARG D 15 6.10 -5.98 -29.25
C ARG D 15 6.29 -6.50 -27.83
N LYS D 16 7.04 -5.77 -26.99
CA LYS D 16 7.20 -6.18 -25.60
C LYS D 16 5.86 -6.11 -24.86
N PHE D 17 5.18 -4.96 -24.96
CA PHE D 17 3.91 -4.83 -24.27
C PHE D 17 2.83 -5.69 -24.90
N LEU D 18 2.96 -6.00 -26.20
CA LEU D 18 2.05 -6.97 -26.82
C LEU D 18 2.36 -8.37 -26.37
N TYR D 19 3.63 -8.68 -26.10
CA TYR D 19 4.00 -9.96 -25.51
C TYR D 19 3.38 -10.09 -24.12
N LEU D 20 3.40 -9.01 -23.35
CA LEU D 20 2.79 -9.06 -22.03
C LEU D 20 1.26 -9.16 -22.11
N GLU D 21 0.65 -8.46 -23.08
CA GLU D 21 -0.80 -8.53 -23.25
C GLU D 21 -1.24 -9.88 -23.81
N ARG D 22 -0.43 -10.49 -24.66
CA ARG D 22 -0.67 -11.87 -25.07
C ARG D 22 -0.42 -12.82 -23.92
N GLU D 23 0.47 -12.44 -22.99
CA GLU D 23 0.68 -13.24 -21.80
C GLU D 23 -0.54 -13.17 -20.89
N PHE D 24 -1.29 -12.07 -20.96
CA PHE D 24 -2.61 -12.07 -20.33
C PHE D 24 -3.47 -13.19 -20.90
N ARG D 25 -3.66 -13.19 -22.22
CA ARG D 25 -4.32 -14.28 -22.95
C ARG D 25 -5.67 -14.62 -22.30
N GLN D 26 -6.58 -13.66 -22.37
CA GLN D 26 -7.88 -13.75 -21.70
C GLN D 26 -7.70 -13.95 -20.20
N MET E 7 8.34 6.95 33.09
CA MET E 7 9.19 6.97 31.91
C MET E 7 8.90 5.76 31.02
N LYS E 8 7.70 5.73 30.45
CA LYS E 8 7.28 4.63 29.61
C LYS E 8 8.14 4.51 28.34
N ILE E 9 8.67 5.63 27.85
CA ILE E 9 9.45 5.58 26.62
C ILE E 9 10.75 4.79 26.79
N PHE E 10 11.25 4.66 28.01
CA PHE E 10 12.42 3.84 28.31
C PHE E 10 12.05 2.45 28.79
N SER E 11 10.99 1.88 28.21
CA SER E 11 10.62 0.51 28.49
C SER E 11 11.63 -0.44 27.83
N GLU E 12 11.54 -1.72 28.17
CA GLU E 12 12.45 -2.73 27.65
C GLU E 12 12.58 -2.70 26.13
N SER E 13 11.61 -2.12 25.42
CA SER E 13 11.69 -2.01 23.96
C SER E 13 12.86 -1.16 23.49
N HIS E 14 13.40 -0.27 24.34
CA HIS E 14 14.35 0.71 23.83
C HIS E 14 15.71 0.08 23.53
N LYS E 15 16.08 -0.99 24.24
CA LYS E 15 17.27 -1.77 23.91
C LYS E 15 16.89 -3.24 23.78
N THR E 16 16.98 -3.75 22.56
CA THR E 16 16.76 -5.16 22.27
C THR E 16 18.02 -5.73 21.61
N VAL E 17 18.40 -6.91 22.05
CA VAL E 17 19.59 -7.57 21.54
C VAL E 17 19.14 -8.66 20.59
N PHE E 18 19.84 -8.79 19.46
CA PHE E 18 19.66 -9.92 18.58
C PHE E 18 20.99 -10.68 18.57
N VAL E 19 20.92 -11.97 18.86
CA VAL E 19 22.10 -12.82 18.96
C VAL E 19 21.87 -14.02 18.05
N VAL E 20 22.82 -14.25 17.14
CA VAL E 20 22.75 -15.36 16.22
C VAL E 20 24.02 -16.19 16.35
N ASP E 21 23.86 -17.50 16.36
CA ASP E 21 25.01 -18.38 16.45
C ASP E 21 25.61 -18.53 15.05
N HIS E 22 26.85 -18.10 14.89
CA HIS E 22 27.61 -18.53 13.74
C HIS E 22 28.38 -19.79 14.05
N CYS E 23 27.93 -20.52 15.06
CA CYS E 23 28.52 -21.82 15.31
C CYS E 23 28.24 -22.65 14.06
N PRO E 24 29.22 -23.33 13.52
CA PRO E 24 29.14 -23.77 12.13
C PRO E 24 28.12 -24.86 11.84
N TYR E 25 26.84 -24.58 12.12
CA TYR E 25 25.77 -25.51 11.81
C TYR E 25 25.43 -25.38 10.33
N MET E 26 25.99 -26.25 9.51
CA MET E 26 25.77 -26.20 8.07
C MET E 26 24.46 -26.89 7.69
N SER E 36 23.04 -21.74 4.75
CA SER E 36 22.21 -22.87 5.13
C SER E 36 21.16 -22.47 6.15
N LEU E 37 21.10 -23.22 7.26
CA LEU E 37 20.15 -22.90 8.32
C LEU E 37 20.38 -21.50 8.87
N TRP E 38 21.66 -21.14 9.06
CA TRP E 38 21.97 -19.81 9.57
C TRP E 38 21.46 -18.74 8.62
N THR E 39 21.50 -19.00 7.31
CA THR E 39 20.94 -18.07 6.34
C THR E 39 19.46 -17.83 6.61
N CYS E 40 18.69 -18.90 6.80
CA CYS E 40 17.27 -18.76 7.08
C CYS E 40 17.05 -17.98 8.38
N SER E 41 17.80 -18.31 9.43
CA SER E 41 17.66 -17.57 10.68
C SER E 41 17.99 -16.10 10.48
N VAL E 42 19.00 -15.81 9.68
CA VAL E 42 19.36 -14.43 9.36
C VAL E 42 18.22 -13.75 8.62
N GLU E 43 17.59 -14.45 7.68
CA GLU E 43 16.46 -13.86 6.97
C GLU E 43 15.32 -13.51 7.93
N SER E 44 15.02 -14.41 8.86
CA SER E 44 13.93 -14.13 9.81
C SER E 44 14.27 -12.92 10.67
N SER E 45 15.47 -12.92 11.26
CA SER E 45 15.88 -11.80 12.10
C SER E 45 15.96 -10.51 11.30
N MET E 46 16.31 -10.60 10.02
CA MET E 46 16.47 -9.41 9.18
C MET E 46 15.12 -8.82 8.79
N GLU E 47 14.13 -9.66 8.50
CA GLU E 47 12.78 -9.13 8.27
C GLU E 47 12.22 -8.53 9.55
N TYR E 48 12.48 -9.19 10.68
CA TYR E 48 12.12 -8.61 11.97
C TYR E 48 12.71 -7.22 12.12
N CYS E 49 14.00 -7.06 11.81
CA CYS E 49 14.63 -5.74 11.90
C CYS E 49 14.08 -4.78 10.86
N ARG E 50 13.67 -5.31 9.71
CA ARG E 50 13.13 -4.48 8.64
C ARG E 50 11.83 -3.81 9.06
N ILE E 51 11.01 -4.52 9.83
CA ILE E 51 9.72 -3.95 10.20
C ILE E 51 9.68 -3.37 11.62
N MET E 52 10.64 -3.73 12.48
CA MET E 52 10.48 -3.42 13.89
C MET E 52 10.65 -1.93 14.18
N TYR E 53 11.66 -1.30 13.58
CA TYR E 53 11.88 0.12 13.83
C TYR E 53 10.74 0.97 13.27
N ASP E 54 10.06 0.47 12.24
CA ASP E 54 8.95 1.20 11.64
C ASP E 54 7.87 1.52 12.65
N ILE E 55 7.62 0.60 13.60
CA ILE E 55 6.58 0.83 14.59
C ILE E 55 6.89 2.06 15.43
N PHE E 56 8.11 2.12 15.95
CA PHE E 56 8.54 3.18 16.86
C PHE E 56 9.82 3.76 16.28
N PRO E 57 9.75 4.83 15.48
CA PRO E 57 10.96 5.32 14.80
C PRO E 57 12.12 5.52 15.76
N PHE E 58 11.83 5.98 16.97
CA PHE E 58 12.77 6.00 18.07
C PHE E 58 12.06 5.47 19.30
N LYS E 59 12.74 5.51 20.45
CA LYS E 59 12.32 4.91 21.71
C LYS E 59 12.40 3.39 21.68
N LYS E 60 12.92 2.80 20.61
CA LYS E 60 13.13 1.36 20.55
C LYS E 60 14.29 1.08 19.60
N LEU E 61 15.37 0.50 20.14
CA LEU E 61 16.59 0.27 19.38
C LEU E 61 17.07 -1.16 19.57
N VAL E 62 17.82 -1.66 18.59
CA VAL E 62 18.27 -3.06 18.57
C VAL E 62 19.73 -3.11 18.11
N ASN E 63 20.51 -4.01 18.72
CA ASN E 63 21.86 -4.28 18.27
C ASN E 63 22.04 -5.78 18.04
N PHE E 64 22.88 -6.10 17.05
CA PHE E 64 23.00 -7.45 16.51
C PHE E 64 24.44 -7.93 16.60
N ILE E 65 24.62 -9.18 17.03
CA ILE E 65 25.92 -9.79 17.24
C ILE E 65 25.89 -11.25 16.80
N VAL E 66 26.99 -11.71 16.24
CA VAL E 66 27.20 -13.11 15.92
C VAL E 66 28.32 -13.61 16.82
N SER E 67 28.22 -14.87 17.20
CA SER E 67 29.12 -15.43 18.20
C SER E 67 29.62 -16.81 17.79
N ASP E 68 30.40 -16.85 16.72
CA ASP E 68 31.21 -18.01 16.39
C ASP E 68 32.55 -17.78 17.07
N SER E 69 32.83 -18.58 18.09
CA SER E 69 33.99 -18.31 18.93
C SER E 69 33.79 -16.88 19.41
N GLY E 70 34.76 -16.01 19.13
CA GLY E 70 34.67 -14.64 19.60
C GLY E 70 33.43 -13.92 19.13
N ALA E 71 33.01 -12.93 19.94
CA ALA E 71 31.85 -12.09 19.65
C ALA E 71 32.19 -11.05 18.58
N HIS E 72 31.27 -10.87 17.62
CA HIS E 72 31.42 -9.92 16.52
C HIS E 72 30.22 -8.97 16.53
N VAL E 73 30.41 -7.77 17.09
CA VAL E 73 29.34 -6.79 17.19
C VAL E 73 29.21 -6.02 15.87
N LEU E 74 28.00 -5.93 15.34
CA LEU E 74 27.82 -5.36 14.02
C LEU E 74 27.19 -3.97 14.00
N ASN E 75 26.63 -3.49 15.11
CA ASN E 75 26.00 -2.17 15.12
C ASN E 75 26.11 -1.56 16.52
N SER E 76 25.84 -0.26 16.60
CA SER E 76 25.81 0.48 17.86
C SER E 76 24.49 1.20 17.96
N TRP E 77 24.19 1.69 19.17
CA TRP E 77 22.93 2.39 19.40
C TRP E 77 22.79 3.64 18.55
N THR E 78 23.91 4.19 18.05
CA THR E 78 23.86 5.41 17.27
C THR E 78 23.07 5.20 15.98
N GLN E 79 22.24 6.19 15.64
CA GLN E 79 21.39 6.08 14.47
C GLN E 79 22.21 5.94 13.19
N GLU E 80 23.38 6.57 13.13
CA GLU E 80 24.26 6.39 11.99
C GLU E 80 24.64 4.92 11.83
N ASP E 81 24.85 4.22 12.94
CA ASP E 81 25.13 2.79 12.86
C ASP E 81 23.84 2.01 12.64
N GLN E 82 22.72 2.56 13.07
CA GLN E 82 21.43 1.89 12.88
C GLN E 82 20.89 2.22 11.49
N ASN E 83 21.49 1.58 10.49
CA ASN E 83 21.02 1.63 9.13
C ASN E 83 20.82 0.18 8.73
N LEU E 84 19.60 -0.15 8.33
CA LEU E 84 19.28 -1.54 8.07
C LEU E 84 20.09 -2.06 6.91
N GLN E 85 20.39 -1.19 5.94
CA GLN E 85 21.19 -1.58 4.80
C GLN E 85 22.62 -1.88 5.22
N GLU E 86 23.20 -1.05 6.10
CA GLU E 86 24.51 -1.36 6.64
C GLU E 86 24.49 -2.70 7.36
N LEU E 87 23.40 -3.01 8.05
CA LEU E 87 23.30 -4.28 8.74
C LEU E 87 23.31 -5.44 7.76
N MET E 88 22.48 -5.35 6.71
CA MET E 88 22.44 -6.46 5.75
C MET E 88 23.77 -6.59 5.00
N ALA E 89 24.44 -5.47 4.73
CA ALA E 89 25.76 -5.54 4.12
C ALA E 89 26.76 -6.23 5.05
N ALA E 90 26.75 -5.85 6.34
CA ALA E 90 27.63 -6.46 7.33
C ALA E 90 27.34 -7.94 7.50
N LEU E 91 26.11 -8.38 7.25
CA LEU E 91 25.80 -9.80 7.35
C LEU E 91 26.67 -10.62 6.39
N ALA E 92 26.92 -10.10 5.19
CA ALA E 92 27.77 -10.78 4.23
C ALA E 92 29.20 -10.93 4.74
N ALA E 93 29.63 -10.04 5.66
CA ALA E 93 31.00 -10.11 6.16
C ALA E 93 31.30 -11.47 6.79
N VAL E 94 30.32 -12.06 7.48
CA VAL E 94 30.54 -13.37 8.07
C VAL E 94 30.76 -14.41 6.98
N GLY E 95 30.16 -14.20 5.81
CA GLY E 95 30.41 -15.04 4.66
C GLY E 95 30.17 -16.52 4.85
N PRO E 96 31.21 -17.33 4.64
CA PRO E 96 31.09 -18.78 4.80
C PRO E 96 30.96 -19.19 6.26
N PRO E 97 30.15 -20.22 6.53
CA PRO E 97 30.08 -20.77 7.89
C PRO E 97 30.70 -22.15 7.95
N ASN E 98 31.94 -22.27 7.49
CA ASN E 98 32.61 -23.55 7.33
C ASN E 98 32.75 -24.32 8.65
N PRO E 99 32.17 -25.52 8.75
CA PRO E 99 32.29 -26.30 9.99
C PRO E 99 33.64 -26.94 10.23
N ARG E 100 34.47 -27.11 9.20
CA ARG E 100 35.72 -27.85 9.34
C ARG E 100 36.61 -27.31 10.46
N ALA E 101 36.78 -25.99 10.52
CA ALA E 101 37.64 -25.38 11.53
C ALA E 101 37.04 -25.34 12.92
N ASP E 102 35.80 -25.78 13.11
CA ASP E 102 35.17 -25.78 14.42
C ASP E 102 35.92 -26.61 15.44
N PRO E 103 36.29 -26.05 16.59
CA PRO E 103 36.53 -26.87 17.77
C PRO E 103 35.22 -27.42 18.30
N GLU E 104 35.32 -28.37 19.24
CA GLU E 104 34.12 -28.80 19.96
C GLU E 104 33.53 -27.64 20.75
N CYS E 105 34.36 -26.67 21.09
CA CYS E 105 33.94 -25.46 21.80
C CYS E 105 33.73 -24.33 20.80
N CYS E 106 32.55 -24.30 20.20
CA CYS E 106 32.01 -23.14 19.49
C CYS E 106 30.71 -22.79 20.20
N SER E 107 30.69 -21.64 20.87
CA SER E 107 29.63 -21.30 21.79
C SER E 107 29.04 -19.94 21.48
N ILE E 108 27.72 -19.83 21.64
CA ILE E 108 27.06 -18.54 21.55
C ILE E 108 27.40 -17.68 22.76
N LEU E 109 27.94 -18.30 23.81
CA LEU E 109 28.20 -17.61 25.07
C LEU E 109 29.07 -16.37 24.88
N HIS E 110 30.07 -16.45 24.01
CA HIS E 110 30.95 -15.31 23.80
C HIS E 110 30.15 -14.09 23.39
N GLY E 111 29.17 -14.27 22.49
CA GLY E 111 28.32 -13.15 22.12
C GLY E 111 27.42 -12.73 23.25
N LEU E 112 26.87 -13.69 24.00
CA LEU E 112 25.89 -13.37 25.03
C LEU E 112 26.46 -12.42 26.06
N VAL E 113 27.65 -12.72 26.55
CA VAL E 113 28.27 -11.85 27.56
C VAL E 113 28.44 -10.45 26.99
N ALA E 114 28.94 -10.35 25.74
CA ALA E 114 29.14 -9.04 25.15
C ALA E 114 27.82 -8.30 25.05
N ALA E 115 26.73 -9.02 24.78
CA ALA E 115 25.43 -8.37 24.67
C ALA E 115 25.09 -7.62 25.95
N VAL E 116 25.38 -8.24 27.11
CA VAL E 116 25.08 -7.56 28.36
C VAL E 116 25.80 -6.23 28.41
N GLU E 117 27.08 -6.22 28.04
CA GLU E 117 27.83 -4.97 28.08
C GLU E 117 27.17 -3.93 27.17
N THR E 118 26.73 -4.35 25.98
CA THR E 118 26.11 -3.41 25.06
C THR E 118 24.84 -2.82 25.68
N LEU E 119 24.06 -3.64 26.40
CA LEU E 119 22.87 -3.10 27.06
C LEU E 119 23.24 -2.11 28.14
N CYS E 120 24.37 -2.32 28.82
CA CYS E 120 24.80 -1.36 29.83
C CYS E 120 25.13 0.01 29.23
N LYS E 121 25.50 0.05 27.94
CA LYS E 121 25.86 1.32 27.31
C LYS E 121 24.64 2.23 27.18
N ILE E 122 24.87 3.54 27.25
CA ILE E 122 23.80 4.52 27.28
C ILE E 122 23.36 4.85 25.87
N THR E 123 22.09 5.15 25.70
CA THR E 123 21.61 5.70 24.44
C THR E 123 21.80 7.20 24.44
N GLU E 124 21.80 7.77 23.24
CA GLU E 124 21.85 9.22 23.11
C GLU E 124 20.66 9.84 23.82
N TYR E 125 19.51 9.18 23.73
CA TYR E 125 18.33 9.62 24.46
C TYR E 125 18.60 9.58 25.96
N GLN E 126 19.21 8.50 26.43
CA GLN E 126 19.62 8.44 27.84
C GLN E 126 20.68 9.48 28.15
N HIS E 127 21.56 9.79 27.21
CA HIS E 127 22.58 10.82 27.45
C HIS E 127 21.92 12.18 27.69
N GLU E 128 20.98 12.56 26.83
CA GLU E 128 20.26 13.81 27.03
C GLU E 128 19.40 13.75 28.28
N ALA E 129 18.78 12.60 28.57
CA ALA E 129 18.00 12.45 29.79
C ALA E 129 18.85 12.65 31.02
N ARG E 130 20.09 12.12 31.01
CA ARG E 130 20.99 12.31 32.13
C ARG E 130 21.40 13.77 32.27
N THR E 131 21.69 14.43 31.16
CA THR E 131 21.85 15.88 31.18
C THR E 131 20.64 16.54 31.83
N LEU E 132 19.45 16.01 31.56
CA LEU E 132 18.21 16.46 32.18
C LEU E 132 18.06 15.88 33.58
N LEU E 133 18.47 14.63 33.78
CA LEU E 133 18.25 13.94 35.04
C LEU E 133 18.95 14.67 36.19
N MET E 134 18.21 14.87 37.27
CA MET E 134 18.70 15.66 38.40
C MET E 134 19.39 14.78 39.43
N GLU E 135 19.28 15.16 40.71
CA GLU E 135 19.96 14.44 41.76
C GLU E 135 19.40 13.03 41.93
N ASN E 136 18.15 12.83 41.54
CA ASN E 136 17.47 11.54 41.65
C ASN E 136 17.38 10.91 40.27
N ALA E 137 17.84 9.67 40.16
CA ALA E 137 17.77 8.91 38.92
C ALA E 137 16.51 8.08 38.79
N GLU E 138 15.67 8.05 39.83
CA GLU E 138 14.45 7.26 39.86
C GLU E 138 13.70 7.32 38.53
N ARG E 139 13.46 6.14 37.95
CA ARG E 139 12.97 5.93 36.58
C ARG E 139 14.09 6.16 35.56
N VAL E 140 15.33 5.80 35.90
CA VAL E 140 16.44 6.02 34.98
C VAL E 140 16.34 5.09 33.78
N GLY E 141 15.75 3.92 33.95
CA GLY E 141 15.43 3.07 32.81
C GLY E 141 16.54 2.09 32.50
N ASN E 142 17.00 2.10 31.24
CA ASN E 142 17.93 1.12 30.69
C ASN E 142 17.35 -0.28 30.68
N ARG E 143 16.03 -0.38 30.82
CA ARG E 143 15.33 -1.65 30.69
C ARG E 143 15.50 -2.20 29.28
N GLY E 144 15.69 -3.51 29.18
CA GLY E 144 15.96 -4.09 27.88
C GLY E 144 15.43 -5.50 27.72
N ARG E 145 15.48 -5.96 26.47
CA ARG E 145 15.07 -7.31 26.07
C ARG E 145 16.17 -7.92 25.20
N ILE E 146 16.45 -9.20 25.43
CA ILE E 146 17.51 -9.93 24.75
C ILE E 146 16.88 -11.04 23.92
N ILE E 147 17.43 -11.29 22.74
CA ILE E 147 17.00 -12.35 21.85
C ILE E 147 18.21 -13.20 21.55
N CYS E 148 18.14 -14.49 21.88
CA CYS E 148 19.17 -15.45 21.52
C CYS E 148 18.57 -16.47 20.56
N ILE E 149 19.26 -16.69 19.44
CA ILE E 149 18.85 -17.66 18.43
C ILE E 149 20.02 -18.62 18.25
N THR E 150 19.76 -19.92 18.36
CA THR E 150 20.84 -20.88 18.24
C THR E 150 20.26 -22.28 18.07
N ASN E 151 21.15 -23.21 17.73
CA ASN E 151 20.84 -24.63 17.80
C ASN E 151 21.30 -25.14 19.17
N ALA E 152 20.34 -25.52 20.01
CA ALA E 152 20.63 -25.98 21.36
C ALA E 152 20.76 -27.50 21.37
N LYS E 153 21.50 -28.00 22.35
CA LYS E 153 21.68 -29.44 22.52
C LYS E 153 20.76 -30.01 23.60
N SER E 154 20.77 -29.45 24.79
CA SER E 154 19.97 -29.94 25.90
C SER E 154 19.17 -28.81 26.52
N ASP E 155 18.06 -29.17 27.17
CA ASP E 155 17.30 -28.19 27.95
C ASP E 155 18.12 -27.68 29.13
N SER E 156 18.82 -28.59 29.83
CA SER E 156 19.72 -28.17 30.90
C SER E 156 20.83 -27.30 30.34
N HIS E 157 21.26 -27.56 29.10
CA HIS E 157 22.22 -26.69 28.43
C HIS E 157 21.69 -25.27 28.32
N VAL E 158 20.41 -25.11 27.94
CA VAL E 158 19.82 -23.78 27.84
C VAL E 158 19.72 -23.13 29.21
N ARG E 159 19.35 -23.92 30.23
CA ARG E 159 19.41 -23.44 31.60
C ARG E 159 20.79 -22.90 31.92
N MET E 160 21.83 -23.63 31.51
CA MET E 160 23.19 -23.19 31.78
C MET E 160 23.48 -21.87 31.07
N LEU E 161 22.95 -21.69 29.86
CA LEU E 161 23.16 -20.44 29.13
C LEU E 161 22.56 -19.26 29.89
N GLU E 162 21.32 -19.42 30.38
CA GLU E 162 20.72 -18.33 31.15
C GLU E 162 21.50 -18.07 32.44
N ASP E 163 21.99 -19.15 33.07
CA ASP E 163 22.82 -19.00 34.27
C ASP E 163 24.07 -18.19 33.96
N CYS E 164 24.68 -18.46 32.81
CA CYS E 164 25.84 -17.69 32.39
C CYS E 164 25.49 -16.21 32.29
N VAL E 165 24.31 -15.92 31.73
CA VAL E 165 23.89 -14.53 31.57
C VAL E 165 23.71 -13.83 32.92
N GLN E 166 23.14 -14.54 33.91
CA GLN E 166 22.70 -13.84 35.13
C GLN E 166 23.87 -13.24 35.93
N GLU E 167 24.92 -14.03 36.19
CA GLU E 167 26.01 -13.50 37.01
C GLU E 167 26.76 -12.40 36.28
N THR E 168 26.91 -12.52 34.96
CA THR E 168 27.48 -11.43 34.19
C THR E 168 26.67 -10.16 34.38
N ILE E 169 25.34 -10.27 34.35
CA ILE E 169 24.50 -9.10 34.55
C ILE E 169 24.72 -8.50 35.93
N HIS E 170 24.77 -9.35 36.95
CA HIS E 170 24.94 -8.85 38.32
C HIS E 170 26.25 -8.10 38.47
N GLU E 171 27.35 -8.66 37.96
CA GLU E 171 28.65 -8.00 38.12
C GLU E 171 28.74 -6.73 37.29
N HIS E 172 28.15 -6.73 36.08
CA HIS E 172 28.12 -5.51 35.29
C HIS E 172 27.30 -4.42 35.98
N ASN E 173 26.22 -4.82 36.64
CA ASN E 173 25.46 -3.89 37.47
C ASN E 173 26.35 -3.31 38.56
N LYS E 174 27.15 -4.15 39.21
CA LYS E 174 28.08 -3.66 40.22
C LYS E 174 29.04 -2.64 39.63
N LEU E 175 29.57 -2.91 38.43
CA LEU E 175 30.55 -2.01 37.84
C LEU E 175 29.94 -0.67 37.46
N ALA E 176 28.71 -0.69 36.92
CA ALA E 176 28.15 0.52 36.32
C ALA E 176 27.90 1.64 37.35
N ALA E 177 27.86 1.30 38.64
CA ALA E 177 27.71 2.34 39.66
C ALA E 177 28.88 3.31 39.67
N ASN E 178 30.10 2.79 39.42
CA ASN E 178 31.28 3.64 39.42
C ASN E 178 31.33 4.55 38.19
N SER E 179 31.34 3.96 37.00
CA SER E 179 31.44 4.74 35.78
C SER E 179 30.11 5.41 35.46
N ASP E 180 30.16 6.71 35.17
CA ASP E 180 28.98 7.48 34.79
C ASP E 180 28.63 7.35 33.32
N HIS E 181 29.57 6.89 32.49
CA HIS E 181 29.32 6.70 31.07
C HIS E 181 28.65 5.36 30.76
N LEU E 182 28.30 4.58 31.78
CA LEU E 182 27.58 3.33 31.60
C LEU E 182 26.57 3.20 32.72
N MET E 183 25.60 2.30 32.52
CA MET E 183 24.49 2.17 33.46
C MET E 183 24.23 0.71 33.78
N GLN E 184 23.52 0.49 34.89
CA GLN E 184 23.11 -0.84 35.28
C GLN E 184 21.81 -1.23 34.57
N ILE E 185 21.54 -2.53 34.56
CA ILE E 185 20.30 -3.07 34.02
C ILE E 185 19.38 -3.36 35.20
N GLN E 186 18.14 -2.89 35.12
CA GLN E 186 17.19 -3.01 36.21
C GLN E 186 16.08 -4.02 35.94
N LYS E 187 15.96 -4.52 34.70
CA LYS E 187 14.96 -5.51 34.33
C LYS E 187 15.23 -6.04 32.93
N CYS E 188 15.81 -7.22 32.82
CA CYS E 188 16.14 -7.80 31.52
C CYS E 188 15.12 -8.86 31.11
N GLU E 189 15.03 -9.08 29.79
CA GLU E 189 14.17 -10.09 29.21
C GLU E 189 14.94 -10.85 28.15
N LEU E 190 14.87 -12.18 28.18
CA LEU E 190 15.56 -13.02 27.21
C LEU E 190 14.60 -13.98 26.53
N VAL E 191 14.65 -14.01 25.20
CA VAL E 191 13.87 -14.92 24.35
C VAL E 191 14.84 -15.92 23.75
N LEU E 192 14.66 -17.20 24.07
CA LEU E 192 15.58 -18.27 23.68
C LEU E 192 14.97 -19.04 22.51
N ILE E 193 15.75 -19.22 21.46
CA ILE E 193 15.26 -19.79 20.21
C ILE E 193 16.11 -20.98 19.81
N HIS E 194 15.45 -22.11 19.55
CA HIS E 194 16.06 -23.36 19.12
C HIS E 194 15.55 -23.70 17.73
N THR E 195 16.38 -24.38 16.94
CA THR E 195 16.02 -24.83 15.60
C THR E 195 16.03 -26.36 15.57
N TYR E 196 14.91 -26.95 15.11
CA TYR E 196 14.85 -28.40 15.01
C TYR E 196 15.64 -28.91 13.80
N PRO E 197 15.29 -28.57 12.54
CA PRO E 197 16.19 -29.09 11.52
C PRO E 197 17.45 -28.24 11.38
N GLY E 199 17.58 -34.49 10.39
CA GLY E 199 17.23 -34.07 11.74
C GLY E 199 16.00 -33.20 11.79
N GLU E 200 15.05 -33.56 12.66
CA GLU E 200 13.85 -32.78 12.82
C GLU E 200 13.16 -33.03 14.16
N ASP E 201 13.93 -33.13 15.23
CA ASP E 201 13.38 -33.46 16.53
C ASP E 201 14.30 -32.98 17.64
N SER E 202 13.68 -32.54 18.73
CA SER E 202 14.32 -32.25 20.00
C SER E 202 13.20 -32.00 21.01
N LEU E 203 13.54 -32.13 22.28
CA LEU E 203 12.60 -31.80 23.34
C LEU E 203 13.07 -30.56 24.07
N VAL E 204 13.46 -29.52 23.33
CA VAL E 204 13.63 -28.21 23.96
C VAL E 204 12.27 -27.81 24.54
N SER E 205 12.30 -27.24 25.74
CA SER E 205 11.09 -26.95 26.48
C SER E 205 10.75 -25.47 26.37
N ASP E 206 9.68 -25.17 25.62
CA ASP E 206 9.16 -23.82 25.50
C ASP E 206 8.53 -23.44 26.83
N ARG E 207 9.35 -22.94 27.74
CA ARG E 207 8.94 -22.71 29.12
C ARG E 207 8.62 -21.24 29.37
N SER E 208 7.90 -21.01 30.48
CA SER E 208 7.51 -19.67 30.86
C SER E 208 8.72 -18.90 31.40
N LYS E 209 8.48 -17.65 31.77
CA LYS E 209 9.54 -16.79 32.27
C LYS E 209 9.70 -16.96 33.78
N LYS E 210 10.95 -16.89 34.23
CA LYS E 210 11.29 -17.17 35.61
C LYS E 210 11.97 -15.95 36.23
N GLU E 211 11.57 -15.63 37.45
CA GLU E 211 12.26 -14.60 38.23
C GLU E 211 13.66 -15.09 38.59
N LEU E 212 14.53 -15.14 37.58
CA LEU E 212 15.89 -15.61 37.81
C LEU E 212 16.60 -14.74 38.83
N SER E 213 16.26 -13.46 38.86
CA SER E 213 16.78 -12.51 39.84
C SER E 213 15.70 -11.46 40.02
N PRO E 214 15.79 -10.64 41.07
CA PRO E 214 14.96 -9.44 41.10
C PRO E 214 15.18 -8.58 39.86
N VAL E 215 16.38 -8.62 39.30
CA VAL E 215 16.68 -7.89 38.07
C VAL E 215 16.36 -8.72 36.82
N LEU E 216 16.69 -10.01 36.80
CA LEU E 216 16.59 -10.82 35.60
C LEU E 216 15.29 -11.62 35.52
N THR E 217 14.66 -11.62 34.35
CA THR E 217 13.56 -12.54 34.04
C THR E 217 13.68 -13.00 32.58
N SER E 218 13.47 -14.28 32.32
CA SER E 218 13.69 -14.83 30.98
C SER E 218 12.87 -16.10 30.74
N GLU E 219 12.58 -16.37 29.47
CA GLU E 219 11.81 -17.54 29.05
C GLU E 219 12.38 -18.08 27.74
N VAL E 220 11.99 -19.32 27.38
CA VAL E 220 12.58 -20.07 26.27
C VAL E 220 11.50 -20.66 25.36
N HIS E 221 11.78 -20.70 24.05
CA HIS E 221 10.90 -21.31 23.05
C HIS E 221 11.74 -22.02 21.98
N SER E 222 11.07 -22.84 21.15
CA SER E 222 11.75 -23.66 20.15
C SER E 222 10.86 -23.94 18.93
N VAL E 223 11.38 -23.59 17.74
CA VAL E 223 10.65 -23.73 16.47
C VAL E 223 11.58 -24.27 15.39
N ARG E 224 10.98 -24.85 14.35
CA ARG E 224 11.76 -25.44 13.29
C ARG E 224 12.29 -24.38 12.33
N ALA E 225 13.31 -24.77 11.56
CA ALA E 225 13.91 -23.88 10.59
C ALA E 225 13.03 -23.72 9.35
N GLY E 226 13.14 -22.57 8.71
CA GLY E 226 12.38 -22.35 7.50
C GLY E 226 11.09 -21.58 7.66
N ARG E 227 10.00 -22.27 7.34
CA ARG E 227 8.66 -21.67 7.41
C ARG E 227 8.25 -21.34 8.85
N HIS E 228 8.39 -22.32 9.74
CA HIS E 228 7.96 -22.14 11.12
C HIS E 228 8.80 -21.07 11.82
N LEU E 229 10.06 -20.91 11.40
CA LEU E 229 10.90 -19.86 11.96
C LEU E 229 10.32 -18.48 11.67
N ALA E 230 9.91 -18.26 10.41
CA ALA E 230 9.30 -16.98 10.05
C ALA E 230 7.95 -16.80 10.73
N THR E 231 7.16 -17.88 10.86
CA THR E 231 5.88 -17.78 11.54
C THR E 231 6.06 -17.35 13.00
N LYS E 232 6.97 -18.03 13.70
CA LYS E 232 7.24 -17.65 15.09
C LYS E 232 7.77 -16.23 15.17
N LEU E 233 8.60 -15.82 14.20
CA LEU E 233 9.14 -14.48 14.23
C LEU E 233 8.04 -13.43 14.11
N ASN E 234 7.07 -13.66 13.22
CA ASN E 234 5.97 -12.71 13.08
C ASN E 234 5.16 -12.63 14.38
N ILE E 235 4.91 -13.80 15.00
CA ILE E 235 4.23 -13.79 16.29
C ILE E 235 5.05 -12.97 17.31
N LEU E 236 6.38 -13.10 17.24
CA LEU E 236 7.23 -12.35 18.16
C LEU E 236 7.10 -10.85 17.93
N VAL E 237 7.08 -10.39 16.69
CA VAL E 237 6.90 -8.95 16.45
C VAL E 237 5.58 -8.47 17.04
N GLN E 238 4.53 -9.29 16.86
CA GLN E 238 3.21 -8.94 17.36
C GLN E 238 3.18 -8.92 18.88
N GLN E 239 4.12 -9.58 19.55
CA GLN E 239 4.29 -9.28 20.96
C GLN E 239 5.16 -8.04 21.16
N HIS E 240 6.19 -7.89 20.33
CA HIS E 240 7.26 -6.93 20.58
C HIS E 240 6.79 -5.48 20.54
N PHE E 241 5.70 -5.16 19.84
CA PHE E 241 5.27 -3.77 19.90
C PHE E 241 5.07 -3.32 21.36
N ASP E 242 4.49 -4.20 22.18
CA ASP E 242 4.23 -3.98 23.61
C ASP E 242 3.37 -5.14 24.10
N GLU F 4 38.52 -0.71 37.16
CA GLU F 4 38.82 -1.85 38.00
C GLU F 4 39.27 -3.05 37.16
N ASP F 5 39.63 -4.13 37.84
CA ASP F 5 40.00 -5.38 37.18
C ASP F 5 38.84 -6.37 37.12
N ARG F 6 37.61 -5.87 37.27
CA ARG F 6 36.44 -6.75 37.20
C ARG F 6 36.27 -7.37 35.83
N LEU F 7 36.90 -6.79 34.80
CA LEU F 7 36.93 -7.42 33.49
C LEU F 7 37.54 -8.82 33.57
N GLU F 8 38.51 -9.01 34.46
CA GLU F 8 39.05 -10.35 34.68
C GLU F 8 37.98 -11.30 35.21
N ARG F 9 37.09 -10.82 36.10
CA ARG F 9 36.03 -11.68 36.60
C ARG F 9 35.01 -11.99 35.51
N LEU F 10 34.71 -11.01 34.65
CA LEU F 10 33.83 -11.28 33.50
C LEU F 10 34.44 -12.34 32.59
N GLN F 11 35.71 -12.16 32.23
CA GLN F 11 36.41 -13.15 31.43
C GLN F 11 36.41 -14.51 32.12
N GLU F 12 36.53 -14.52 33.46
CA GLU F 12 36.55 -15.79 34.18
C GLU F 12 35.20 -16.47 34.12
N ILE F 13 34.11 -15.70 34.21
CA ILE F 13 32.78 -16.27 34.00
C ILE F 13 32.70 -16.93 32.63
N LEU F 14 33.18 -16.22 31.60
CA LEU F 14 33.13 -16.76 30.25
C LEU F 14 33.92 -18.06 30.14
N ARG F 15 35.14 -18.07 30.67
CA ARG F 15 35.97 -19.28 30.64
C ARG F 15 35.29 -20.42 31.37
N LYS F 16 34.80 -20.15 32.58
CA LYS F 16 34.10 -21.17 33.35
C LYS F 16 32.99 -21.80 32.54
N PHE F 17 32.16 -21.00 31.90
CA PHE F 17 31.00 -21.58 31.22
C PHE F 17 31.42 -22.31 29.94
N LEU F 18 32.42 -21.81 29.22
CA LEU F 18 32.92 -22.53 28.05
C LEU F 18 33.37 -23.92 28.46
N TYR F 19 34.11 -23.98 29.56
CA TYR F 19 34.75 -25.24 29.96
C TYR F 19 33.74 -26.20 30.56
N LEU F 20 32.73 -25.67 31.26
CA LEU F 20 31.66 -26.56 31.75
C LEU F 20 30.81 -27.07 30.59
N GLU F 21 30.55 -26.22 29.60
CA GLU F 21 29.77 -26.62 28.44
C GLU F 21 30.48 -27.70 27.63
N ARG F 22 31.82 -27.60 27.52
CA ARG F 22 32.55 -28.63 26.78
C ARG F 22 32.28 -30.02 27.38
N GLU F 23 32.43 -30.14 28.69
CA GLU F 23 32.25 -31.44 29.33
C GLU F 23 30.79 -31.88 29.33
N PHE F 24 29.86 -30.93 29.48
CA PHE F 24 28.45 -31.31 29.50
C PHE F 24 27.97 -31.75 28.13
N ARG F 25 28.29 -30.97 27.08
CA ARG F 25 27.94 -31.36 25.72
C ARG F 25 28.72 -32.57 25.25
N GLN F 26 29.82 -32.91 25.93
CA GLN F 26 30.52 -34.14 25.62
C GLN F 26 29.61 -35.35 25.80
N ILE F 27 28.93 -35.42 26.95
CA ILE F 27 27.99 -36.51 27.21
C ILE F 27 27.02 -36.05 28.28
N THR F 28 25.80 -36.59 28.23
CA THR F 28 24.73 -36.26 29.17
C THR F 28 24.31 -34.79 29.11
#